data_6EG2
#
_entry.id   6EG2
#
_cell.length_a   136.790
_cell.length_b   136.790
_cell.length_c   120.690
_cell.angle_alpha   90.000
_cell.angle_beta   90.000
_cell.angle_gamma   90.000
#
_symmetry.space_group_name_H-M   'P 42 21 2'
#
loop_
_entity.id
_entity.type
_entity.pdbx_description
1 polymer 'Maltose/maltodextrin-binding periplasmic protein,Probable global transcription activator SNF2L2'
2 non-polymer "N-(5-amino-2-chloropyridin-4-yl)-N'-(4-bromo-3-{[3-(hydroxymethyl)phenyl]ethynyl}-1,2-thiazol-5-yl)urea"
3 non-polymer 'ISOPROPYL ALCOHOL'
4 water water
#
_entity_poly.entity_id   1
_entity_poly.type   'polypeptide(L)'
_entity_poly.pdbx_seq_one_letter_code
;KIEEGKLVIWINGDKGYNGLAEVGKKFEKDTGIKVTVEHPDKLEEKFPQVAATGDGPDIIFWAHDRFGGYAQSGLLAEIT
PAAAFQDKLYPFTWDAVRYNGKLIAYPIAVEALSLIYNKDLLPNPPKTWEEIPALDKELKAKGKSALMFNLQEPYFTWPL
IAADGGYAFKYAAGKYDIKDVGVDNAGAKAGLTFLVDLIKNKHMNADTDYSIAEAAFNKGETAMTINGPWAWSNIDTSAV
NYGVTVLPTFKGQPSKPFVGVLSAGINAASPNKELAKEFLENYLLTDEGLEAVNKDKPLGAVALKSYEEELAKDPRIAAT
MENAQKGEIMPNIPQMSAFWYAVRTAVINAASGRQTVDEALKDAQTNAAAAHAISERVEKQSALLINGTLKHYQLQGLEW
MVSLYNNNLNGILADEMGLGKTIQTIALITYLMEHKRLNGPYLIIVPLSTLSNWTYEFDKWAPSVVKISYKGTPAMRRSL
VPQLRSGKFNVLLTTYEYIIKDKHILAKIRWKYMIVDEGHRMKNHHCKLTQVLNTHYVAPRRILLTGTPLQNKLPELWAL
LNFLLPTIFKSCSTFEQWFNAPFAMTGERVDLNEEETILIIRRLHKVLRPFLLRRLKKEVE
;
_entity_poly.pdbx_strand_id   A
#
loop_
_chem_comp.id
_chem_comp.type
_chem_comp.name
_chem_comp.formula
IPA non-polymer 'ISOPROPYL ALCOHOL' 'C3 H8 O'
J7J non-polymer N-(5-amino-2-chloropyridin-4-yl)-N'-(4-bromo-3-{[3-(hydroxymethyl)phenyl]ethynyl}-1,2-thiazol-5-yl)urea 'C18 H13 Br Cl N5 O2 S'
#
# COMPACT_ATOMS: atom_id res chain seq x y z
N LYS A 1 -15.18 27.02 -0.15
CA LYS A 1 -15.17 25.57 -0.01
C LYS A 1 -14.98 24.84 -1.37
N ILE A 2 -16.08 24.44 -2.05
CA ILE A 2 -16.07 23.72 -3.33
C ILE A 2 -17.24 24.24 -4.25
N GLU A 3 -16.97 25.41 -4.90
CA GLU A 3 -17.86 26.23 -5.74
C GLU A 3 -18.69 25.46 -6.77
N GLU A 4 -20.03 25.67 -6.75
CA GLU A 4 -20.97 25.02 -7.67
C GLU A 4 -21.11 25.75 -9.02
N GLY A 5 -21.58 24.98 -10.02
CA GLY A 5 -21.79 25.41 -11.41
C GLY A 5 -20.54 25.84 -12.12
N LYS A 6 -19.39 25.23 -11.77
CA LYS A 6 -18.04 25.53 -12.28
C LYS A 6 -17.16 24.26 -12.19
N LEU A 7 -15.95 24.27 -12.78
CA LEU A 7 -15.01 23.15 -12.70
C LEU A 7 -13.57 23.60 -12.47
N VAL A 8 -12.93 23.07 -11.42
CA VAL A 8 -11.52 23.31 -11.11
C VAL A 8 -10.75 21.98 -11.22
N ILE A 9 -9.74 21.93 -12.10
CA ILE A 9 -8.98 20.72 -12.37
C ILE A 9 -7.51 20.84 -11.95
N TRP A 10 -6.96 19.77 -11.34
CA TRP A 10 -5.56 19.71 -10.95
C TRP A 10 -4.87 18.64 -11.77
N ILE A 11 -3.79 19.04 -12.42
CA ILE A 11 -2.91 18.25 -13.26
C ILE A 11 -1.50 18.79 -12.98
N ASN A 12 -0.47 17.94 -13.03
CA ASN A 12 0.89 18.38 -12.74
C ASN A 12 1.46 19.31 -13.82
N GLY A 13 2.50 20.08 -13.45
CA GLY A 13 3.19 21.01 -14.35
C GLY A 13 3.92 20.35 -15.51
N ASP A 14 4.38 19.09 -15.30
CA ASP A 14 5.11 18.27 -16.29
C ASP A 14 4.25 17.87 -17.48
N LYS A 15 2.93 17.75 -17.27
CA LYS A 15 1.93 17.40 -18.28
C LYS A 15 1.53 18.64 -19.12
N GLY A 16 0.82 18.42 -20.24
CA GLY A 16 0.33 19.48 -21.14
C GLY A 16 -0.93 20.17 -20.64
N TYR A 17 -0.78 21.00 -19.57
CA TYR A 17 -1.86 21.72 -18.89
C TYR A 17 -2.51 22.83 -19.71
N ASN A 18 -1.70 23.66 -20.40
CA ASN A 18 -2.20 24.76 -21.23
C ASN A 18 -3.02 24.23 -22.42
N GLY A 19 -2.76 22.99 -22.80
CA GLY A 19 -3.49 22.27 -23.83
C GLY A 19 -4.83 21.82 -23.29
N LEU A 20 -4.83 21.35 -22.01
CA LEU A 20 -6.05 20.90 -21.33
C LEU A 20 -6.96 22.10 -21.13
N ALA A 21 -6.37 23.27 -20.79
CA ALA A 21 -7.07 24.55 -20.60
C ALA A 21 -7.97 24.90 -21.80
N GLU A 22 -7.48 24.68 -23.03
CA GLU A 22 -8.20 24.91 -24.29
C GLU A 22 -9.44 24.03 -24.40
N VAL A 23 -9.37 22.78 -23.91
CA VAL A 23 -10.51 21.85 -23.94
C VAL A 23 -11.60 22.40 -23.02
N GLY A 24 -11.16 23.05 -21.93
CA GLY A 24 -12.03 23.69 -20.95
C GLY A 24 -12.75 24.88 -21.55
N LYS A 25 -12.06 25.62 -22.45
CA LYS A 25 -12.62 26.74 -23.20
C LYS A 25 -13.81 26.28 -24.05
N LYS A 26 -13.64 25.27 -24.94
CA LYS A 26 -14.75 24.70 -25.73
C LYS A 26 -15.96 24.28 -24.86
N PHE A 27 -15.73 23.87 -23.59
CA PHE A 27 -16.81 23.51 -22.68
C PHE A 27 -17.60 24.78 -22.37
N GLU A 28 -16.93 25.81 -21.78
CA GLU A 28 -17.46 27.14 -21.46
C GLU A 28 -18.10 27.82 -22.68
N LYS A 29 -17.58 27.56 -23.89
CA LYS A 29 -18.06 28.13 -25.13
C LYS A 29 -19.45 27.59 -25.42
N ASP A 30 -19.57 26.28 -25.57
CA ASP A 30 -20.83 25.61 -25.91
C ASP A 30 -21.79 25.46 -24.73
N THR A 31 -21.31 25.67 -23.48
CA THR A 31 -22.14 25.47 -22.28
C THR A 31 -22.30 26.69 -21.38
N GLY A 32 -21.26 27.52 -21.31
CA GLY A 32 -21.24 28.72 -20.47
C GLY A 32 -20.53 28.52 -19.14
N ILE A 33 -20.35 27.23 -18.75
CA ILE A 33 -19.72 26.77 -17.50
C ILE A 33 -18.22 27.07 -17.50
N LYS A 34 -17.75 27.85 -16.51
CA LYS A 34 -16.33 28.19 -16.40
C LYS A 34 -15.51 26.98 -15.97
N VAL A 35 -14.34 26.79 -16.61
CA VAL A 35 -13.43 25.70 -16.32
C VAL A 35 -12.06 26.29 -16.02
N THR A 36 -11.54 26.06 -14.80
CA THR A 36 -10.24 26.54 -14.37
C THR A 36 -9.29 25.36 -14.17
N VAL A 37 -8.15 25.42 -14.86
CA VAL A 37 -7.11 24.39 -14.82
C VAL A 37 -5.89 24.97 -14.14
N GLU A 38 -5.51 24.32 -13.02
CA GLU A 38 -4.37 24.70 -12.17
C GLU A 38 -3.38 23.55 -12.00
N HIS A 39 -2.09 23.90 -11.87
CA HIS A 39 -1.03 22.94 -11.59
C HIS A 39 -0.40 23.28 -10.23
N PRO A 40 -1.04 22.88 -9.10
CA PRO A 40 -0.49 23.22 -7.79
C PRO A 40 0.78 22.45 -7.45
N ASP A 41 1.75 23.11 -6.78
CA ASP A 41 3.01 22.49 -6.37
C ASP A 41 2.73 21.36 -5.38
N LYS A 42 3.16 20.12 -5.70
CA LYS A 42 2.95 18.91 -4.89
C LYS A 42 1.46 18.71 -4.61
N LEU A 43 0.67 18.71 -5.68
CA LEU A 43 -0.78 18.58 -5.70
C LEU A 43 -1.29 17.24 -5.17
N GLU A 44 -0.57 16.14 -5.46
CA GLU A 44 -0.92 14.79 -5.02
C GLU A 44 -0.80 14.67 -3.49
N GLU A 45 -0.01 15.55 -2.88
CA GLU A 45 0.20 15.64 -1.44
C GLU A 45 -0.93 16.47 -0.81
N LYS A 46 -1.29 17.60 -1.44
CA LYS A 46 -2.33 18.54 -1.02
C LYS A 46 -3.74 17.98 -1.17
N PHE A 47 -3.97 17.16 -2.20
CA PHE A 47 -5.27 16.59 -2.50
C PHE A 47 -5.90 15.80 -1.34
N PRO A 48 -5.28 14.79 -0.70
CA PRO A 48 -6.00 14.04 0.35
C PRO A 48 -6.47 14.88 1.54
N GLN A 49 -5.61 15.82 2.02
CA GLN A 49 -5.89 16.73 3.13
C GLN A 49 -7.21 17.45 2.87
N VAL A 50 -7.23 18.19 1.74
CA VAL A 50 -8.32 19.05 1.27
C VAL A 50 -9.57 18.28 0.86
N ALA A 51 -9.40 17.00 0.47
CA ALA A 51 -10.53 16.16 0.07
C ALA A 51 -11.35 15.68 1.28
N ALA A 52 -10.66 15.33 2.40
CA ALA A 52 -11.30 14.91 3.66
C ALA A 52 -12.05 16.11 4.26
N THR A 53 -11.54 17.33 3.98
CA THR A 53 -12.07 18.63 4.36
C THR A 53 -13.39 18.92 3.61
N GLY A 54 -13.45 18.52 2.35
CA GLY A 54 -14.59 18.79 1.47
C GLY A 54 -14.30 19.99 0.59
N ASP A 55 -13.00 20.24 0.35
CA ASP A 55 -12.42 21.32 -0.47
C ASP A 55 -11.70 20.69 -1.70
N GLY A 56 -10.80 21.48 -2.30
CA GLY A 56 -9.97 21.06 -3.42
C GLY A 56 -10.58 21.12 -4.81
N PRO A 57 -10.01 20.33 -5.76
CA PRO A 57 -10.52 20.38 -7.13
C PRO A 57 -11.75 19.49 -7.34
N ASP A 58 -12.39 19.60 -8.51
CA ASP A 58 -13.54 18.78 -8.87
C ASP A 58 -13.01 17.57 -9.63
N ILE A 59 -11.87 17.77 -10.34
CA ILE A 59 -11.19 16.77 -11.15
C ILE A 59 -9.69 16.72 -10.81
N ILE A 60 -9.15 15.50 -10.66
CA ILE A 60 -7.75 15.25 -10.34
C ILE A 60 -7.06 14.38 -11.42
N PHE A 61 -5.85 14.78 -11.81
CA PHE A 61 -5.03 14.12 -12.82
C PHE A 61 -3.70 13.63 -12.28
N TRP A 62 -3.62 12.31 -12.03
CA TRP A 62 -2.46 11.56 -11.53
C TRP A 62 -2.61 10.10 -11.95
N ALA A 63 -1.55 9.27 -11.77
CA ALA A 63 -1.59 7.83 -12.11
C ALA A 63 -2.51 7.04 -11.20
N HIS A 64 -3.20 6.08 -11.80
CA HIS A 64 -4.20 5.15 -11.21
C HIS A 64 -3.83 4.53 -9.84
N ASP A 65 -2.51 4.44 -9.55
CA ASP A 65 -1.96 3.85 -8.33
C ASP A 65 -2.25 4.74 -7.14
N ARG A 66 -1.71 5.99 -7.10
CA ARG A 66 -1.93 6.99 -6.02
C ARG A 66 -3.43 7.23 -5.74
N PHE A 67 -4.28 6.87 -6.71
CA PHE A 67 -5.73 6.96 -6.61
C PHE A 67 -6.32 5.85 -5.73
N GLY A 68 -5.56 4.78 -5.51
CA GLY A 68 -5.97 3.65 -4.68
C GLY A 68 -6.21 4.06 -3.24
N GLY A 69 -5.24 4.81 -2.69
CA GLY A 69 -5.26 5.38 -1.35
C GLY A 69 -6.38 6.39 -1.20
N TYR A 70 -6.55 7.24 -2.25
CA TYR A 70 -7.61 8.25 -2.27
C TYR A 70 -8.95 7.56 -2.31
N ALA A 71 -9.02 6.41 -3.01
CA ALA A 71 -10.25 5.60 -3.11
C ALA A 71 -10.54 4.92 -1.78
N GLN A 72 -9.48 4.38 -1.10
CA GLN A 72 -9.60 3.74 0.20
C GLN A 72 -10.16 4.74 1.18
N SER A 73 -9.64 5.98 1.14
CA SER A 73 -10.12 7.10 1.96
C SER A 73 -11.52 7.58 1.52
N GLY A 74 -11.91 7.30 0.26
CA GLY A 74 -13.20 7.68 -0.30
C GLY A 74 -13.27 9.13 -0.73
N LEU A 75 -12.16 9.64 -1.28
CA LEU A 75 -12.02 11.01 -1.76
C LEU A 75 -12.31 11.13 -3.27
N LEU A 76 -12.71 10.00 -3.90
CA LEU A 76 -13.03 9.91 -5.31
C LEU A 76 -14.37 9.24 -5.49
N ALA A 77 -15.19 9.79 -6.37
CA ALA A 77 -16.53 9.32 -6.68
C ALA A 77 -16.51 8.15 -7.65
N GLU A 78 -17.50 7.24 -7.46
CA GLU A 78 -17.72 6.06 -8.28
C GLU A 78 -18.28 6.61 -9.60
N ILE A 79 -17.43 6.60 -10.65
CA ILE A 79 -17.79 7.12 -11.98
C ILE A 79 -18.81 6.19 -12.64
N THR A 80 -19.91 6.76 -13.21
CA THR A 80 -21.00 5.97 -13.80
C THR A 80 -21.15 6.03 -15.35
N PRO A 81 -20.17 5.58 -16.17
CA PRO A 81 -20.41 5.57 -17.63
C PRO A 81 -21.23 4.36 -18.04
N ALA A 82 -22.05 4.53 -19.08
CA ALA A 82 -22.86 3.45 -19.62
C ALA A 82 -21.93 2.54 -20.43
N ALA A 83 -22.36 1.28 -20.67
CA ALA A 83 -21.60 0.26 -21.39
C ALA A 83 -20.88 0.80 -22.66
N ALA A 84 -21.64 1.46 -23.59
CA ALA A 84 -21.16 2.04 -24.85
C ALA A 84 -19.89 2.88 -24.68
N PHE A 85 -19.82 3.73 -23.64
CA PHE A 85 -18.63 4.54 -23.35
C PHE A 85 -17.42 3.69 -22.96
N GLN A 86 -17.64 2.62 -22.18
CA GLN A 86 -16.55 1.72 -21.76
C GLN A 86 -15.87 1.03 -22.95
N ASP A 87 -16.64 0.78 -24.03
CA ASP A 87 -16.09 0.16 -25.22
C ASP A 87 -15.12 1.07 -25.96
N LYS A 88 -15.27 2.42 -25.83
CA LYS A 88 -14.40 3.40 -26.47
C LYS A 88 -12.96 3.31 -25.97
N LEU A 89 -12.77 2.76 -24.75
CA LEU A 89 -11.46 2.53 -24.15
C LEU A 89 -11.16 1.03 -24.04
N TYR A 90 -9.86 0.69 -23.98
CA TYR A 90 -9.35 -0.67 -23.79
C TYR A 90 -9.77 -1.21 -22.41
N PRO A 91 -10.23 -2.49 -22.30
CA PRO A 91 -10.67 -2.99 -20.97
C PRO A 91 -9.58 -3.01 -19.88
N PHE A 92 -8.31 -3.22 -20.27
CA PHE A 92 -7.19 -3.27 -19.35
C PHE A 92 -6.95 -1.95 -18.63
N THR A 93 -7.37 -0.82 -19.23
CA THR A 93 -7.20 0.51 -18.64
C THR A 93 -8.25 0.73 -17.55
N TRP A 94 -9.49 0.22 -17.77
CA TRP A 94 -10.59 0.29 -16.81
C TRP A 94 -10.30 -0.52 -15.55
N ASP A 95 -9.39 -1.50 -15.65
CA ASP A 95 -8.94 -2.31 -14.54
C ASP A 95 -8.18 -1.39 -13.63
N ALA A 96 -7.18 -0.67 -14.17
CA ALA A 96 -6.32 0.27 -13.44
C ALA A 96 -7.07 1.24 -12.51
N VAL A 97 -8.34 1.54 -12.83
CA VAL A 97 -9.20 2.48 -12.11
C VAL A 97 -10.38 1.78 -11.37
N ARG A 98 -10.32 0.45 -11.26
CA ARG A 98 -11.35 -0.31 -10.53
C ARG A 98 -10.83 -0.67 -9.13
N TYR A 99 -11.48 -0.10 -8.11
CA TYR A 99 -11.15 -0.26 -6.70
C TYR A 99 -12.39 -0.78 -5.98
N ASN A 100 -12.25 -1.89 -5.25
CA ASN A 100 -13.33 -2.57 -4.54
C ASN A 100 -14.45 -2.97 -5.52
N GLY A 101 -14.05 -3.27 -6.76
CA GLY A 101 -14.94 -3.62 -7.86
C GLY A 101 -15.83 -2.48 -8.33
N LYS A 102 -15.31 -1.23 -8.19
CA LYS A 102 -15.99 0.02 -8.55
C LYS A 102 -15.01 0.91 -9.30
N LEU A 103 -15.48 1.49 -10.43
CA LEU A 103 -14.69 2.41 -11.26
C LEU A 103 -14.59 3.76 -10.55
N ILE A 104 -13.36 4.27 -10.36
CA ILE A 104 -13.10 5.45 -9.55
C ILE A 104 -12.29 6.55 -10.23
N ALA A 105 -12.17 6.50 -11.56
CA ALA A 105 -11.46 7.50 -12.36
C ALA A 105 -11.73 7.25 -13.83
N TYR A 106 -11.21 8.13 -14.70
CA TYR A 106 -11.34 7.95 -16.14
C TYR A 106 -9.95 7.71 -16.62
N PRO A 107 -9.69 6.54 -17.26
CA PRO A 107 -8.32 6.27 -17.76
C PRO A 107 -8.04 7.24 -18.91
N ILE A 108 -6.81 7.76 -18.99
CA ILE A 108 -6.46 8.73 -20.05
C ILE A 108 -5.32 8.19 -20.92
N ALA A 109 -4.06 8.40 -20.47
CA ALA A 109 -2.86 7.99 -21.17
C ALA A 109 -2.27 6.70 -20.54
N VAL A 110 -1.30 6.07 -21.25
CA VAL A 110 -0.63 4.84 -20.86
C VAL A 110 0.87 5.03 -21.07
N GLU A 111 1.70 4.69 -20.06
CA GLU A 111 3.17 4.74 -20.14
C GLU A 111 3.79 3.44 -19.59
N ALA A 112 4.94 3.04 -20.18
CA ALA A 112 5.69 1.82 -19.86
C ALA A 112 7.18 2.02 -20.22
N LEU A 113 7.96 0.91 -20.18
CA LEU A 113 9.37 0.88 -20.56
C LEU A 113 9.43 0.17 -21.91
N SER A 114 10.34 0.59 -22.78
CA SER A 114 10.51 0.02 -24.12
C SER A 114 11.98 -0.13 -24.51
N LEU A 115 12.25 -0.82 -25.64
CA LEU A 115 13.58 -1.07 -26.14
C LEU A 115 13.96 -0.10 -27.27
N ASN A 118 18.73 1.78 -30.88
CA ASN A 118 19.41 2.36 -32.04
C ASN A 118 18.85 1.81 -33.37
N LYS A 119 18.98 2.62 -34.44
CA LYS A 119 18.53 2.33 -35.81
C LYS A 119 19.69 1.77 -36.65
N ASP A 120 20.81 2.52 -36.73
CA ASP A 120 21.99 2.16 -37.53
C ASP A 120 22.78 1.02 -36.90
N LEU A 121 23.50 1.32 -35.77
CA LEU A 121 24.34 0.41 -34.98
C LEU A 121 23.67 -0.96 -34.79
N LEU A 122 22.39 -0.94 -34.37
CA LEU A 122 21.56 -2.14 -34.22
C LEU A 122 20.50 -2.08 -35.33
N PRO A 123 20.78 -2.70 -36.50
CA PRO A 123 19.81 -2.67 -37.60
C PRO A 123 18.59 -3.53 -37.30
N ASN A 124 18.82 -4.73 -36.73
CA ASN A 124 17.73 -5.62 -36.33
C ASN A 124 17.75 -5.82 -34.81
N PRO A 125 16.57 -5.71 -34.12
CA PRO A 125 16.57 -5.85 -32.65
C PRO A 125 16.52 -7.29 -32.13
N PRO A 126 17.15 -7.58 -30.97
CA PRO A 126 17.12 -8.96 -30.44
C PRO A 126 15.74 -9.42 -29.95
N LYS A 127 15.17 -10.43 -30.63
CA LYS A 127 13.87 -11.04 -30.30
C LYS A 127 13.87 -11.70 -28.92
N THR A 128 14.98 -12.42 -28.57
CA THR A 128 15.17 -13.11 -27.27
C THR A 128 16.27 -12.42 -26.46
N TRP A 129 16.13 -12.43 -25.11
CA TRP A 129 17.10 -11.84 -24.18
C TRP A 129 18.44 -12.60 -24.28
N GLU A 130 18.34 -13.91 -24.51
CA GLU A 130 19.39 -14.90 -24.65
C GLU A 130 20.46 -14.56 -25.70
N GLU A 131 20.11 -13.72 -26.70
CA GLU A 131 20.93 -13.28 -27.83
C GLU A 131 21.98 -12.23 -27.48
N ILE A 132 21.74 -11.44 -26.43
CA ILE A 132 22.55 -10.29 -26.00
C ILE A 132 24.08 -10.61 -25.74
N PRO A 133 24.55 -11.79 -25.22
CA PRO A 133 26.01 -11.98 -25.04
C PRO A 133 26.79 -11.99 -26.36
N ALA A 134 26.29 -12.77 -27.36
CA ALA A 134 26.85 -12.89 -28.72
C ALA A 134 26.98 -11.50 -29.34
N LEU A 135 25.87 -10.73 -29.29
CA LEU A 135 25.74 -9.36 -29.77
C LEU A 135 26.71 -8.41 -29.09
N ASP A 136 26.91 -8.56 -27.75
CA ASP A 136 27.83 -7.69 -27.01
C ASP A 136 29.27 -7.87 -27.46
N LYS A 137 29.67 -9.11 -27.80
CA LYS A 137 31.02 -9.41 -28.28
C LYS A 137 31.37 -8.57 -29.52
N GLU A 138 30.37 -8.34 -30.40
CA GLU A 138 30.51 -7.52 -31.61
C GLU A 138 30.81 -6.07 -31.29
N LEU A 139 29.96 -5.42 -30.47
CA LEU A 139 30.14 -4.02 -30.08
C LEU A 139 31.35 -3.78 -29.21
N LYS A 140 31.76 -4.81 -28.43
CA LYS A 140 32.96 -4.77 -27.59
C LYS A 140 34.20 -4.85 -28.47
N ALA A 141 34.09 -5.51 -29.64
CA ALA A 141 35.16 -5.61 -30.63
C ALA A 141 35.30 -4.26 -31.37
N LYS A 142 34.27 -3.40 -31.27
CA LYS A 142 34.22 -2.04 -31.85
C LYS A 142 34.61 -0.97 -30.79
N GLY A 143 35.18 -1.42 -29.67
CA GLY A 143 35.59 -0.59 -28.55
C GLY A 143 34.46 0.07 -27.80
N LYS A 144 33.28 -0.61 -27.77
CA LYS A 144 32.04 -0.13 -27.12
C LYS A 144 31.29 -1.25 -26.38
N SER A 145 29.94 -1.18 -26.31
CA SER A 145 29.05 -2.13 -25.65
C SER A 145 27.68 -2.18 -26.34
N ALA A 146 26.88 -3.24 -26.08
CA ALA A 146 25.55 -3.42 -26.68
C ALA A 146 24.37 -2.98 -25.79
N LEU A 147 24.56 -2.87 -24.45
CA LEU A 147 23.51 -2.47 -23.51
C LEU A 147 24.09 -1.75 -22.29
N MET A 148 23.45 -0.62 -21.87
CA MET A 148 23.83 0.19 -20.70
C MET A 148 22.65 1.02 -20.14
N PHE A 149 21.70 0.34 -19.46
CA PHE A 149 20.53 0.94 -18.82
C PHE A 149 20.76 1.08 -17.29
N ASN A 150 19.82 1.70 -16.53
CA ASN A 150 19.97 1.89 -15.08
C ASN A 150 19.81 0.57 -14.33
N LEU A 151 20.82 0.22 -13.49
CA LEU A 151 20.81 -1.04 -12.73
C LEU A 151 20.51 -0.84 -11.25
N GLN A 152 21.17 0.16 -10.62
CA GLN A 152 21.04 0.55 -9.21
C GLN A 152 19.56 0.74 -8.73
N GLU A 153 18.62 0.90 -9.69
CA GLU A 153 17.20 1.05 -9.43
C GLU A 153 16.41 -0.21 -9.80
N PRO A 154 15.31 -0.53 -9.09
CA PRO A 154 14.62 -1.81 -9.34
C PRO A 154 13.55 -1.81 -10.44
N TYR A 155 12.96 -0.64 -10.77
CA TYR A 155 11.91 -0.51 -11.79
C TYR A 155 12.39 -1.01 -13.17
N PHE A 156 13.60 -0.55 -13.57
CA PHE A 156 14.27 -0.89 -14.83
C PHE A 156 14.70 -2.36 -14.92
N THR A 157 15.19 -2.92 -13.79
CA THR A 157 15.72 -4.29 -13.68
C THR A 157 14.63 -5.38 -13.46
N TRP A 158 13.41 -4.99 -13.04
CA TRP A 158 12.29 -5.89 -12.80
C TRP A 158 11.69 -6.61 -14.07
N PRO A 159 11.66 -6.05 -15.31
CA PRO A 159 11.00 -6.75 -16.43
C PRO A 159 11.48 -8.18 -16.77
N LEU A 160 12.79 -8.52 -16.61
CA LEU A 160 13.19 -9.92 -16.88
C LEU A 160 12.85 -10.85 -15.69
N ILE A 161 12.86 -10.26 -14.45
CA ILE A 161 12.53 -10.94 -13.19
C ILE A 161 11.06 -11.32 -13.28
N ALA A 162 10.27 -10.47 -13.95
CA ALA A 162 8.85 -10.65 -14.17
C ALA A 162 8.49 -11.67 -15.28
N ALA A 163 9.38 -11.81 -16.29
CA ALA A 163 9.21 -12.64 -17.48
C ALA A 163 8.77 -14.09 -17.23
N ASP A 164 9.67 -14.95 -16.68
CA ASP A 164 9.37 -16.37 -16.46
C ASP A 164 8.19 -16.64 -15.50
N GLY A 165 7.89 -15.67 -14.63
CA GLY A 165 6.77 -15.78 -13.71
C GLY A 165 6.96 -15.11 -12.36
N GLY A 166 7.97 -14.22 -12.27
CA GLY A 166 8.27 -13.47 -11.07
C GLY A 166 7.42 -12.23 -10.96
N TYR A 167 6.58 -12.13 -9.91
CA TYR A 167 5.66 -11.03 -9.69
C TYR A 167 5.80 -10.37 -8.29
N ALA A 168 4.94 -9.38 -7.96
CA ALA A 168 4.94 -8.72 -6.66
C ALA A 168 3.76 -9.25 -5.83
N PHE A 169 2.50 -8.95 -6.21
CA PHE A 169 1.32 -9.37 -5.44
C PHE A 169 0.35 -10.06 -6.34
N LYS A 170 0.00 -11.31 -6.00
CA LYS A 170 -0.92 -12.10 -6.82
C LYS A 170 -2.34 -11.51 -6.89
N TYR A 171 -2.67 -10.94 -8.06
CA TYR A 171 -3.97 -10.37 -8.32
C TYR A 171 -5.07 -11.45 -8.23
N ALA A 172 -5.85 -11.43 -7.16
CA ALA A 172 -7.00 -12.32 -6.89
C ALA A 172 -8.23 -11.78 -7.60
N ALA A 173 -9.44 -12.45 -7.46
CA ALA A 173 -10.74 -12.04 -8.03
C ALA A 173 -10.68 -10.67 -8.79
N GLY A 174 -10.71 -9.61 -8.01
CA GLY A 174 -10.52 -8.22 -8.41
C GLY A 174 -9.70 -7.50 -7.34
N LYS A 175 -8.87 -8.27 -6.62
CA LYS A 175 -8.10 -7.82 -5.45
C LYS A 175 -6.67 -8.40 -5.30
N TYR A 176 -5.64 -7.55 -5.23
CA TYR A 176 -4.26 -8.02 -4.99
C TYR A 176 -4.11 -8.75 -3.63
N ASP A 177 -3.24 -9.81 -3.52
CA ASP A 177 -2.98 -10.51 -2.26
C ASP A 177 -1.57 -10.14 -1.80
N ILE A 178 -1.47 -9.47 -0.65
CA ILE A 178 -0.21 -8.97 -0.11
C ILE A 178 0.56 -10.05 0.66
N LYS A 179 -0.05 -11.25 0.71
CA LYS A 179 0.51 -12.46 1.27
C LYS A 179 1.04 -13.39 0.12
N ASP A 180 0.35 -13.41 -1.06
CA ASP A 180 0.76 -14.20 -2.22
C ASP A 180 1.77 -13.38 -3.05
N VAL A 181 3.02 -13.39 -2.61
CA VAL A 181 4.15 -12.65 -3.19
C VAL A 181 5.06 -13.63 -3.96
N GLY A 182 5.36 -13.29 -5.22
CA GLY A 182 6.15 -14.11 -6.12
C GLY A 182 7.55 -13.63 -6.41
N VAL A 183 8.33 -13.36 -5.36
CA VAL A 183 9.73 -12.90 -5.47
C VAL A 183 10.74 -14.09 -5.34
N ASP A 184 10.25 -15.26 -4.84
CA ASP A 184 11.09 -16.45 -4.61
C ASP A 184 10.86 -17.61 -5.57
N ASN A 185 9.97 -17.46 -6.57
CA ASN A 185 9.73 -18.53 -7.54
C ASN A 185 10.88 -18.64 -8.59
N ALA A 186 10.92 -19.77 -9.32
CA ALA A 186 11.92 -20.07 -10.35
C ALA A 186 12.07 -18.95 -11.41
N GLY A 187 10.95 -18.27 -11.70
CA GLY A 187 10.89 -17.18 -12.66
C GLY A 187 11.81 -16.03 -12.30
N ALA A 188 11.68 -15.57 -11.06
CA ALA A 188 12.47 -14.48 -10.50
C ALA A 188 13.96 -14.83 -10.48
N LYS A 189 14.26 -16.11 -10.15
CA LYS A 189 15.62 -16.61 -10.03
C LYS A 189 16.27 -16.76 -11.39
N ALA A 190 15.55 -17.32 -12.40
CA ALA A 190 16.07 -17.41 -13.78
C ALA A 190 16.45 -16.01 -14.30
N GLY A 191 15.55 -15.04 -14.12
CA GLY A 191 15.73 -13.64 -14.51
C GLY A 191 16.88 -12.93 -13.82
N LEU A 192 16.92 -13.00 -12.47
CA LEU A 192 17.97 -12.34 -11.69
C LEU A 192 19.33 -13.04 -11.84
N THR A 193 19.35 -14.37 -12.08
CA THR A 193 20.62 -15.08 -12.30
C THR A 193 21.25 -14.54 -13.58
N PHE A 194 20.41 -14.36 -14.63
CA PHE A 194 20.82 -13.85 -15.93
C PHE A 194 21.40 -12.45 -15.87
N LEU A 195 20.81 -11.58 -15.05
CA LEU A 195 21.30 -10.22 -14.88
C LEU A 195 22.73 -10.22 -14.30
N VAL A 196 22.96 -11.09 -13.28
CA VAL A 196 24.27 -11.28 -12.64
C VAL A 196 25.26 -11.97 -13.64
N ASP A 197 24.73 -12.79 -14.59
CA ASP A 197 25.51 -13.44 -15.65
C ASP A 197 26.22 -12.40 -16.50
N LEU A 198 25.55 -11.28 -16.84
CA LEU A 198 26.15 -10.22 -17.63
C LEU A 198 27.20 -9.44 -16.88
N ILE A 199 27.00 -9.22 -15.56
CA ILE A 199 27.95 -8.48 -14.73
C ILE A 199 29.26 -9.26 -14.58
N LYS A 200 29.18 -10.59 -14.23
CA LYS A 200 30.33 -11.49 -14.05
C LYS A 200 31.12 -11.76 -15.35
N ASN A 201 30.43 -11.66 -16.50
CA ASN A 201 31.03 -11.82 -17.84
C ASN A 201 31.52 -10.48 -18.40
N LYS A 202 31.66 -9.46 -17.53
CA LYS A 202 32.18 -8.10 -17.75
C LYS A 202 31.41 -7.27 -18.84
N HIS A 203 30.31 -7.81 -19.42
CA HIS A 203 29.45 -7.13 -20.42
C HIS A 203 28.88 -5.85 -19.79
N MET A 204 28.18 -6.02 -18.65
CA MET A 204 27.54 -4.97 -17.87
C MET A 204 28.28 -4.73 -16.58
N ASN A 205 28.34 -3.47 -16.15
CA ASN A 205 28.96 -3.03 -14.90
C ASN A 205 27.85 -2.96 -13.82
N ALA A 206 28.17 -3.33 -12.58
CA ALA A 206 27.20 -3.30 -11.46
C ALA A 206 26.93 -1.88 -10.96
N ASP A 207 27.92 -0.97 -11.11
CA ASP A 207 27.87 0.43 -10.67
C ASP A 207 26.93 1.33 -11.53
N THR A 208 26.46 0.80 -12.69
CA THR A 208 25.62 1.47 -13.69
C THR A 208 24.29 2.03 -13.12
N ASP A 209 24.19 3.38 -13.11
CA ASP A 209 23.05 4.16 -12.64
C ASP A 209 22.42 4.96 -13.79
N TYR A 210 21.50 5.91 -13.48
CA TYR A 210 20.85 6.75 -14.50
C TYR A 210 21.80 7.76 -15.15
N SER A 211 22.70 8.37 -14.35
CA SER A 211 23.71 9.34 -14.82
C SER A 211 24.78 8.67 -15.73
N ILE A 212 24.50 7.42 -16.17
CA ILE A 212 25.32 6.56 -17.05
C ILE A 212 24.38 5.91 -18.08
N ALA A 213 23.17 5.45 -17.63
CA ALA A 213 22.12 4.85 -18.46
C ALA A 213 21.79 5.73 -19.69
N GLU A 214 21.71 7.05 -19.46
CA GLU A 214 21.43 8.07 -20.46
C GLU A 214 22.74 8.68 -20.98
N ALA A 215 23.67 9.07 -20.08
CA ALA A 215 24.96 9.71 -20.40
C ALA A 215 25.90 8.88 -21.32
N ALA A 216 25.58 7.59 -21.58
CA ALA A 216 26.37 6.73 -22.47
C ALA A 216 25.67 6.46 -23.80
N PHE A 217 24.36 6.12 -23.78
CA PHE A 217 23.58 5.85 -24.99
C PHE A 217 23.43 7.09 -25.88
N ASN A 218 23.49 8.28 -25.26
CA ASN A 218 23.39 9.59 -25.91
C ASN A 218 24.74 10.07 -26.46
N LYS A 219 25.87 9.55 -25.92
CA LYS A 219 27.23 9.90 -26.37
C LYS A 219 27.81 8.84 -27.35
N GLY A 220 26.94 7.94 -27.82
CA GLY A 220 27.28 6.87 -28.76
C GLY A 220 28.07 5.70 -28.19
N GLU A 221 28.15 5.61 -26.85
CA GLU A 221 28.87 4.56 -26.13
C GLU A 221 28.20 3.17 -26.23
N THR A 222 26.85 3.12 -26.25
CA THR A 222 26.13 1.84 -26.30
C THR A 222 25.05 1.79 -27.40
N ALA A 223 24.70 0.56 -27.82
CA ALA A 223 23.74 0.27 -28.89
C ALA A 223 22.29 0.13 -28.44
N MET A 224 22.04 -0.43 -27.25
CA MET A 224 20.67 -0.61 -26.75
C MET A 224 20.53 -0.11 -25.33
N THR A 225 19.28 0.20 -24.93
CA THR A 225 18.90 0.66 -23.58
C THR A 225 17.41 0.39 -23.34
N ILE A 226 17.04 0.18 -22.06
CA ILE A 226 15.65 0.03 -21.65
C ILE A 226 15.32 1.28 -20.85
N ASN A 227 14.32 2.05 -21.34
CA ASN A 227 13.83 3.29 -20.74
C ASN A 227 12.40 3.57 -21.21
N GLY A 228 11.85 4.71 -20.78
CA GLY A 228 10.50 5.15 -21.13
C GLY A 228 10.41 6.46 -21.91
N PRO A 229 9.16 6.98 -22.10
CA PRO A 229 8.95 8.21 -22.88
C PRO A 229 9.70 9.48 -22.43
N TRP A 230 9.99 9.62 -21.13
CA TRP A 230 10.70 10.79 -20.57
C TRP A 230 12.16 10.93 -21.08
N ALA A 231 12.69 9.85 -21.70
CA ALA A 231 14.04 9.80 -22.26
C ALA A 231 14.07 10.28 -23.72
N TRP A 232 13.06 9.86 -24.54
CA TRP A 232 12.86 10.15 -25.96
C TRP A 232 13.27 11.56 -26.36
N SER A 233 12.87 12.56 -25.56
CA SER A 233 13.14 13.99 -25.74
C SER A 233 14.63 14.38 -25.63
N ASN A 234 15.42 13.67 -24.80
CA ASN A 234 16.85 13.92 -24.62
C ASN A 234 17.74 13.18 -25.62
N ILE A 235 17.20 12.10 -26.26
CA ILE A 235 17.89 11.34 -27.30
C ILE A 235 17.68 12.07 -28.67
N ASP A 236 16.77 13.07 -28.65
CA ASP A 236 16.46 13.96 -29.77
C ASP A 236 17.47 15.10 -29.79
N THR A 237 17.88 15.58 -28.59
CA THR A 237 18.85 16.68 -28.38
C THR A 237 20.21 16.29 -28.95
N SER A 238 20.66 15.03 -28.67
CA SER A 238 21.94 14.47 -29.15
C SER A 238 21.82 13.95 -30.59
N ALA A 239 20.59 13.94 -31.14
CA ALA A 239 20.19 13.54 -32.50
C ALA A 239 20.69 12.16 -32.95
N VAL A 240 20.97 11.26 -31.99
CA VAL A 240 21.43 9.88 -32.23
C VAL A 240 20.26 9.15 -32.91
N ASN A 241 20.50 8.51 -34.08
CA ASN A 241 19.44 7.82 -34.81
C ASN A 241 18.89 6.63 -34.01
N TYR A 242 17.81 6.90 -33.26
CA TYR A 242 17.18 5.97 -32.33
C TYR A 242 15.76 5.51 -32.72
N GLY A 243 15.23 4.60 -31.90
CA GLY A 243 13.90 4.04 -32.01
C GLY A 243 13.52 3.18 -30.82
N VAL A 244 12.24 2.86 -30.67
CA VAL A 244 11.74 2.01 -29.59
C VAL A 244 10.96 0.81 -30.16
N THR A 245 11.01 -0.33 -29.45
CA THR A 245 10.36 -1.57 -29.85
C THR A 245 10.00 -2.43 -28.62
N VAL A 246 9.30 -3.57 -28.87
CA VAL A 246 8.87 -4.54 -27.87
C VAL A 246 10.07 -5.09 -27.04
N LEU A 247 9.77 -5.73 -25.90
CA LEU A 247 10.79 -6.29 -25.01
C LEU A 247 11.01 -7.81 -25.24
N PRO A 248 12.30 -8.24 -25.23
CA PRO A 248 12.64 -9.64 -25.58
C PRO A 248 11.96 -10.78 -24.82
N THR A 249 11.89 -11.97 -25.45
CA THR A 249 11.32 -13.16 -24.82
C THR A 249 12.38 -14.05 -24.15
N PHE A 250 12.56 -13.85 -22.83
CA PHE A 250 13.46 -14.66 -22.01
C PHE A 250 12.65 -15.93 -21.70
N LYS A 251 13.22 -17.10 -22.03
CA LYS A 251 12.59 -18.43 -21.87
C LYS A 251 11.26 -18.54 -22.67
N GLY A 252 11.23 -17.89 -23.83
CA GLY A 252 10.10 -17.84 -24.74
C GLY A 252 8.88 -17.16 -24.13
N GLN A 253 9.16 -16.16 -23.27
CA GLN A 253 8.17 -15.41 -22.52
C GLN A 253 8.48 -13.91 -22.58
N PRO A 254 7.44 -13.02 -22.70
CA PRO A 254 7.73 -11.58 -22.81
C PRO A 254 8.08 -10.92 -21.48
N SER A 255 9.07 -10.02 -21.54
CA SER A 255 9.53 -9.22 -20.39
C SER A 255 8.41 -8.25 -19.97
N LYS A 256 7.83 -8.45 -18.76
CA LYS A 256 6.71 -7.64 -18.24
C LYS A 256 7.15 -6.38 -17.46
N PRO A 257 6.99 -5.14 -18.02
CA PRO A 257 7.37 -3.94 -17.24
C PRO A 257 6.15 -3.33 -16.52
N PHE A 258 6.35 -2.27 -15.72
CA PHE A 258 5.20 -1.69 -15.03
C PHE A 258 4.55 -0.51 -15.80
N VAL A 259 3.21 -0.64 -15.96
CA VAL A 259 2.32 0.26 -16.70
C VAL A 259 1.63 1.30 -15.82
N GLY A 260 1.96 2.57 -16.12
CA GLY A 260 1.43 3.76 -15.49
C GLY A 260 0.34 4.37 -16.34
N VAL A 261 -0.88 4.49 -15.78
CA VAL A 261 -2.07 4.98 -16.45
C VAL A 261 -2.48 6.33 -15.86
N LEU A 262 -2.15 7.44 -16.57
CA LEU A 262 -2.55 8.78 -16.13
C LEU A 262 -4.08 8.81 -16.11
N SER A 263 -4.67 9.20 -14.99
CA SER A 263 -6.13 9.18 -14.83
C SER A 263 -6.77 10.47 -14.33
N ALA A 264 -8.08 10.59 -14.59
CA ALA A 264 -8.89 11.73 -14.18
C ALA A 264 -9.93 11.26 -13.18
N GLY A 265 -9.72 11.62 -11.91
CA GLY A 265 -10.62 11.26 -10.83
C GLY A 265 -11.53 12.41 -10.42
N ILE A 266 -12.77 12.09 -9.99
CA ILE A 266 -13.67 13.16 -9.55
C ILE A 266 -13.89 13.11 -8.04
N ASN A 267 -13.61 14.24 -7.36
CA ASN A 267 -13.75 14.46 -5.93
C ASN A 267 -15.13 14.08 -5.42
N ALA A 268 -15.19 13.27 -4.35
CA ALA A 268 -16.44 12.84 -3.75
C ALA A 268 -17.12 14.02 -3.04
N ALA A 269 -16.36 15.12 -2.83
CA ALA A 269 -16.80 16.36 -2.19
C ALA A 269 -17.42 17.33 -3.18
N SER A 270 -16.90 17.32 -4.42
CA SER A 270 -17.34 18.15 -5.56
C SER A 270 -18.84 18.04 -5.79
N PRO A 271 -19.58 19.17 -5.80
CA PRO A 271 -21.04 19.08 -6.06
C PRO A 271 -21.36 18.86 -7.55
N ASN A 272 -20.43 19.28 -8.43
CA ASN A 272 -20.45 19.26 -9.91
C ASN A 272 -20.05 17.90 -10.53
N LYS A 273 -20.59 16.81 -10.00
CA LYS A 273 -20.27 15.46 -10.45
C LYS A 273 -20.81 15.14 -11.84
N GLU A 274 -22.04 15.58 -12.17
CA GLU A 274 -22.58 15.36 -13.52
C GLU A 274 -21.95 16.29 -14.58
N LEU A 275 -21.45 17.46 -14.14
CA LEU A 275 -20.76 18.46 -14.93
C LEU A 275 -19.41 17.92 -15.35
N ALA A 276 -18.73 17.21 -14.43
CA ALA A 276 -17.43 16.60 -14.69
C ALA A 276 -17.52 15.38 -15.64
N LYS A 277 -18.56 14.52 -15.48
CA LYS A 277 -18.84 13.35 -16.33
C LYS A 277 -19.12 13.85 -17.76
N GLU A 278 -19.83 14.97 -17.89
CA GLU A 278 -20.15 15.58 -19.17
C GLU A 278 -18.89 16.14 -19.84
N PHE A 279 -18.02 16.79 -19.05
CA PHE A 279 -16.80 17.35 -19.57
C PHE A 279 -15.82 16.28 -19.95
N LEU A 280 -15.78 15.20 -19.18
CA LEU A 280 -14.80 14.15 -19.43
C LEU A 280 -15.27 13.22 -20.54
N GLU A 281 -16.42 12.54 -20.35
CA GLU A 281 -16.99 11.61 -21.31
C GLU A 281 -17.23 12.21 -22.72
N ASN A 282 -17.48 13.54 -22.82
CA ASN A 282 -17.83 14.17 -24.09
C ASN A 282 -16.89 15.25 -24.60
N TYR A 283 -16.05 15.83 -23.75
CA TYR A 283 -15.18 16.90 -24.22
C TYR A 283 -13.72 16.50 -24.20
N LEU A 284 -13.32 15.66 -23.22
CA LEU A 284 -11.94 15.18 -23.09
C LEU A 284 -11.68 13.80 -23.71
N LEU A 285 -12.50 12.81 -23.32
CA LEU A 285 -12.39 11.45 -23.83
C LEU A 285 -13.06 11.28 -25.19
N THR A 286 -12.49 12.01 -26.17
CA THR A 286 -12.83 12.08 -27.61
C THR A 286 -11.51 12.28 -28.32
N ASP A 287 -11.41 11.75 -29.56
CA ASP A 287 -10.23 11.79 -30.44
C ASP A 287 -9.71 13.22 -30.58
N GLU A 288 -10.66 14.16 -30.69
CA GLU A 288 -10.45 15.60 -30.82
C GLU A 288 -9.98 16.21 -29.49
N GLY A 289 -10.64 15.82 -28.40
CA GLY A 289 -10.35 16.27 -27.06
C GLY A 289 -8.97 15.86 -26.57
N LEU A 290 -8.62 14.57 -26.75
CA LEU A 290 -7.31 14.04 -26.35
C LEU A 290 -6.18 14.67 -27.16
N GLU A 291 -6.40 14.80 -28.50
CA GLU A 291 -5.53 15.41 -29.52
C GLU A 291 -5.09 16.81 -29.08
N ALA A 292 -6.03 17.58 -28.48
CA ALA A 292 -5.84 18.94 -27.99
C ALA A 292 -4.78 19.00 -26.89
N VAL A 293 -4.81 18.06 -25.92
CA VAL A 293 -3.84 18.00 -24.82
C VAL A 293 -2.47 17.59 -25.36
N ASN A 294 -2.45 16.44 -26.08
CA ASN A 294 -1.33 15.79 -26.75
C ASN A 294 -0.41 16.81 -27.48
N LYS A 295 -1.02 17.92 -27.97
CA LYS A 295 -0.35 18.99 -28.67
C LYS A 295 0.56 19.83 -27.75
N ASP A 296 0.15 20.08 -26.48
CA ASP A 296 1.02 20.85 -25.58
C ASP A 296 2.18 20.03 -25.10
N LYS A 297 1.94 18.74 -24.74
CA LYS A 297 2.93 17.75 -24.31
C LYS A 297 2.37 16.35 -24.56
N PRO A 298 3.04 15.54 -25.40
CA PRO A 298 2.49 14.21 -25.76
C PRO A 298 2.16 13.28 -24.59
N LEU A 299 1.12 12.48 -24.78
CA LEU A 299 0.62 11.55 -23.77
C LEU A 299 0.89 10.06 -24.12
N GLY A 300 1.88 9.81 -24.97
CA GLY A 300 2.24 8.46 -25.37
C GLY A 300 1.02 7.70 -25.88
N ALA A 301 0.85 6.44 -25.42
CA ALA A 301 -0.32 5.64 -25.80
C ALA A 301 -1.55 6.21 -25.12
N VAL A 302 -2.74 5.98 -25.67
CA VAL A 302 -3.96 6.49 -25.04
C VAL A 302 -4.90 5.33 -24.75
N ALA A 303 -5.85 5.56 -23.84
CA ALA A 303 -6.81 4.56 -23.41
C ALA A 303 -7.85 4.34 -24.46
N LEU A 304 -8.17 5.41 -25.22
CA LEU A 304 -9.19 5.47 -26.27
C LEU A 304 -8.74 4.74 -27.49
N LYS A 305 -9.52 3.71 -27.84
CA LYS A 305 -9.25 2.84 -28.98
C LYS A 305 -9.05 3.70 -30.24
N SER A 306 -10.08 4.52 -30.58
CA SER A 306 -10.18 5.40 -31.75
C SER A 306 -8.97 6.29 -31.96
N TYR A 307 -8.56 7.08 -30.95
CA TYR A 307 -7.39 7.93 -31.13
C TYR A 307 -6.09 7.12 -31.07
N GLU A 308 -6.10 5.94 -30.38
CA GLU A 308 -4.90 5.10 -30.29
C GLU A 308 -4.46 4.60 -31.69
N GLU A 309 -5.41 4.14 -32.53
CA GLU A 309 -5.04 3.71 -33.90
C GLU A 309 -4.32 4.83 -34.66
N GLU A 310 -4.82 6.07 -34.55
CA GLU A 310 -4.22 7.25 -35.20
C GLU A 310 -2.84 7.59 -34.61
N LEU A 311 -2.58 7.14 -33.38
CA LEU A 311 -1.29 7.38 -32.73
C LEU A 311 -0.31 6.25 -33.02
N ALA A 312 -0.87 5.04 -33.28
CA ALA A 312 -0.18 3.80 -33.62
C ALA A 312 0.57 3.92 -34.96
N LYS A 313 0.34 5.04 -35.71
CA LYS A 313 1.00 5.42 -36.97
C LYS A 313 2.50 5.54 -36.68
N ASP A 314 2.84 6.19 -35.53
CA ASP A 314 4.20 6.31 -35.02
C ASP A 314 4.53 4.92 -34.47
N PRO A 315 5.68 4.29 -34.82
CA PRO A 315 5.97 2.96 -34.25
C PRO A 315 6.12 3.01 -32.72
N ARG A 316 6.80 4.08 -32.23
CA ARG A 316 7.08 4.40 -30.83
C ARG A 316 5.89 4.23 -29.88
N ILE A 317 4.71 4.75 -30.26
CA ILE A 317 3.50 4.69 -29.45
C ILE A 317 2.87 3.28 -29.52
N ALA A 318 2.77 2.70 -30.73
CA ALA A 318 2.24 1.35 -30.94
C ALA A 318 3.06 0.30 -30.18
N ALA A 319 4.36 0.62 -29.95
CA ALA A 319 5.34 -0.19 -29.21
C ALA A 319 5.00 -0.21 -27.73
N THR A 320 4.99 0.98 -27.07
CA THR A 320 4.66 1.13 -25.65
C THR A 320 3.30 0.50 -25.37
N MET A 321 2.34 0.68 -26.27
CA MET A 321 1.02 0.09 -26.13
C MET A 321 1.09 -1.45 -26.25
N GLU A 322 1.95 -1.98 -27.15
CA GLU A 322 2.11 -3.44 -27.29
C GLU A 322 2.62 -4.00 -25.97
N ASN A 323 3.72 -3.39 -25.44
CA ASN A 323 4.35 -3.73 -24.15
C ASN A 323 3.26 -3.79 -23.07
N ALA A 324 2.56 -2.66 -22.86
CA ALA A 324 1.47 -2.46 -21.90
C ALA A 324 0.51 -3.67 -21.71
N GLN A 325 -0.08 -4.17 -22.81
CA GLN A 325 -1.04 -5.29 -22.81
C GLN A 325 -0.41 -6.64 -22.43
N LYS A 326 0.90 -6.80 -22.73
CA LYS A 326 1.68 -8.00 -22.43
C LYS A 326 2.34 -7.93 -21.03
N GLY A 327 2.71 -6.72 -20.62
CA GLY A 327 3.31 -6.38 -19.32
C GLY A 327 2.25 -6.21 -18.24
N GLU A 328 2.62 -5.57 -17.11
CA GLU A 328 1.64 -5.46 -16.03
C GLU A 328 1.48 -4.06 -15.43
N ILE A 329 0.25 -3.77 -14.98
CA ILE A 329 -0.17 -2.51 -14.36
C ILE A 329 0.27 -2.40 -12.93
N MET A 330 0.73 -1.19 -12.56
CA MET A 330 1.18 -0.84 -11.23
C MET A 330 0.06 -1.03 -10.18
N PRO A 331 0.33 -1.78 -9.09
CA PRO A 331 -0.70 -1.95 -8.05
C PRO A 331 -1.00 -0.64 -7.29
N ASN A 332 -2.27 -0.43 -6.95
CA ASN A 332 -2.72 0.78 -6.26
C ASN A 332 -2.60 0.69 -4.71
N ILE A 333 -2.43 -0.54 -4.19
CA ILE A 333 -2.29 -0.93 -2.79
C ILE A 333 -1.01 -0.35 -2.13
N PRO A 334 -1.06 0.09 -0.84
CA PRO A 334 0.12 0.77 -0.24
C PRO A 334 1.38 -0.05 -0.03
N GLN A 335 1.23 -1.38 -0.03
CA GLN A 335 2.27 -2.37 0.22
C GLN A 335 3.43 -2.33 -0.80
N MET A 336 3.36 -1.40 -1.75
CA MET A 336 4.34 -1.23 -2.79
C MET A 336 5.69 -0.74 -2.28
N SER A 337 5.68 0.15 -1.28
CA SER A 337 6.91 0.74 -0.71
C SER A 337 7.85 -0.31 -0.13
N ALA A 338 7.28 -1.39 0.44
CA ALA A 338 7.99 -2.52 1.01
C ALA A 338 8.66 -3.33 -0.11
N PHE A 339 7.84 -3.73 -1.11
CA PHE A 339 8.25 -4.48 -2.29
C PHE A 339 9.38 -3.79 -3.01
N TRP A 340 9.24 -2.51 -3.30
CA TRP A 340 10.30 -1.86 -4.03
C TRP A 340 11.56 -1.81 -3.21
N TYR A 341 11.47 -1.44 -1.92
CA TYR A 341 12.65 -1.41 -1.03
C TYR A 341 13.34 -2.79 -0.90
N ALA A 342 12.53 -3.87 -0.90
CA ALA A 342 12.93 -5.28 -0.84
C ALA A 342 13.74 -5.67 -2.07
N VAL A 343 13.16 -5.45 -3.27
CA VAL A 343 13.78 -5.82 -4.54
C VAL A 343 14.94 -4.86 -4.90
N ARG A 344 14.89 -3.59 -4.46
CA ARG A 344 15.96 -2.61 -4.71
C ARG A 344 17.28 -3.16 -4.17
N THR A 345 17.31 -3.47 -2.86
CA THR A 345 18.48 -4.00 -2.17
C THR A 345 18.85 -5.39 -2.72
N ALA A 346 17.82 -6.27 -2.99
CA ALA A 346 18.00 -7.62 -3.54
C ALA A 346 18.92 -7.57 -4.72
N VAL A 347 18.60 -6.73 -5.72
CA VAL A 347 19.41 -6.58 -6.92
C VAL A 347 20.81 -6.01 -6.60
N ILE A 348 20.90 -4.87 -5.87
CA ILE A 348 22.21 -4.26 -5.52
C ILE A 348 23.20 -5.34 -5.08
N ASN A 349 22.81 -6.14 -4.04
CA ASN A 349 23.59 -7.24 -3.46
C ASN A 349 23.91 -8.35 -4.48
N ALA A 350 22.88 -9.02 -5.02
CA ALA A 350 22.98 -10.11 -6.00
C ALA A 350 23.98 -9.79 -7.09
N ALA A 351 23.89 -8.58 -7.68
CA ALA A 351 24.75 -8.10 -8.75
C ALA A 351 26.15 -7.67 -8.31
N SER A 352 26.32 -7.19 -7.06
CA SER A 352 27.63 -6.75 -6.55
C SER A 352 28.52 -7.93 -6.14
N GLY A 353 27.88 -9.06 -5.83
CA GLY A 353 28.53 -10.28 -5.39
C GLY A 353 28.31 -10.54 -3.91
N ARG A 354 27.97 -9.48 -3.13
CA ARG A 354 27.70 -9.51 -1.69
C ARG A 354 26.78 -10.64 -1.25
N GLN A 355 25.82 -11.01 -2.11
CA GLN A 355 24.86 -12.09 -1.86
C GLN A 355 24.65 -12.92 -3.11
N THR A 356 24.18 -14.16 -2.91
CA THR A 356 23.83 -15.09 -3.97
C THR A 356 22.42 -14.71 -4.45
N VAL A 357 22.04 -15.03 -5.71
CA VAL A 357 20.70 -14.70 -6.22
C VAL A 357 19.64 -15.27 -5.29
N ASP A 358 19.81 -16.55 -4.90
CA ASP A 358 18.91 -17.26 -4.00
C ASP A 358 18.86 -16.68 -2.59
N GLU A 359 19.93 -15.93 -2.18
CA GLU A 359 20.08 -15.27 -0.87
C GLU A 359 19.31 -13.96 -0.81
N ALA A 360 19.63 -13.02 -1.72
CA ALA A 360 19.01 -11.69 -1.82
C ALA A 360 17.50 -11.80 -2.04
N LEU A 361 17.08 -12.67 -3.00
CA LEU A 361 15.68 -12.90 -3.31
C LEU A 361 14.94 -13.56 -2.18
N LYS A 362 15.63 -14.39 -1.36
CA LYS A 362 15.04 -15.06 -0.20
C LYS A 362 14.55 -14.02 0.79
N ASP A 363 15.44 -13.05 1.11
CA ASP A 363 15.22 -11.93 2.04
C ASP A 363 14.16 -10.97 1.48
N ALA A 364 14.40 -10.46 0.24
CA ALA A 364 13.48 -9.57 -0.49
C ALA A 364 12.01 -10.09 -0.47
N GLN A 365 11.81 -11.41 -0.65
CA GLN A 365 10.47 -12.01 -0.65
C GLN A 365 9.83 -11.95 0.75
N THR A 366 10.65 -12.10 1.80
CA THR A 366 10.19 -12.11 3.18
C THR A 366 9.87 -10.70 3.64
N ASN A 367 10.80 -9.76 3.38
CA ASN A 367 10.71 -8.35 3.75
C ASN A 367 9.49 -7.61 3.16
N ALA A 368 9.01 -8.09 1.98
CA ALA A 368 7.89 -7.52 1.24
C ALA A 368 6.56 -8.15 1.64
N ALA A 369 6.58 -9.39 2.13
CA ALA A 369 5.38 -10.08 2.59
C ALA A 369 5.20 -9.84 4.11
N ALA A 370 6.18 -9.13 4.72
CA ALA A 370 6.24 -8.75 6.13
C ALA A 370 4.98 -8.02 6.58
N ALA A 371 4.49 -8.36 7.79
CA ALA A 371 3.26 -7.82 8.42
C ALA A 371 3.27 -6.29 8.62
N HIS A 372 4.45 -5.73 8.91
CA HIS A 372 4.68 -4.30 9.14
C HIS A 372 5.30 -3.67 7.89
N ALA A 373 4.67 -3.95 6.73
CA ALA A 373 5.12 -3.46 5.42
C ALA A 373 5.04 -1.92 5.35
N ILE A 374 3.85 -1.34 5.60
CA ILE A 374 3.63 0.11 5.61
C ILE A 374 4.48 0.80 6.71
N SER A 375 5.61 1.39 6.31
CA SER A 375 6.49 2.12 7.22
C SER A 375 5.98 3.55 7.35
N GLU A 376 5.94 4.06 8.58
CA GLU A 376 5.47 5.43 8.86
C GLU A 376 6.19 6.01 10.06
N ARG A 377 7.03 7.02 9.79
CA ARG A 377 7.84 7.72 10.78
C ARG A 377 6.98 8.60 11.68
N VAL A 378 7.31 8.60 12.97
CA VAL A 378 6.68 9.41 14.00
C VAL A 378 7.85 10.14 14.66
N GLU A 379 8.04 11.43 14.30
CA GLU A 379 9.13 12.26 14.80
C GLU A 379 8.84 12.79 16.19
N LYS A 380 7.66 13.40 16.37
CA LYS A 380 7.23 13.98 17.64
C LYS A 380 5.82 13.54 18.02
N GLN A 381 5.53 13.57 19.33
CA GLN A 381 4.26 13.16 19.93
C GLN A 381 3.04 13.98 19.45
N SER A 382 1.87 13.71 20.03
CA SER A 382 0.63 14.40 19.67
C SER A 382 0.60 15.80 20.32
N ALA A 383 -0.21 16.70 19.76
CA ALA A 383 -0.41 18.07 20.30
C ALA A 383 -1.29 17.96 21.54
N LEU A 384 -2.29 17.05 21.48
CA LEU A 384 -3.24 16.71 22.56
C LEU A 384 -2.51 15.97 23.70
N LEU A 385 -1.29 15.49 23.41
CA LEU A 385 -0.41 14.83 24.37
C LEU A 385 0.54 15.89 24.94
N ILE A 386 0.14 16.42 26.10
CA ILE A 386 0.81 17.49 26.84
C ILE A 386 1.17 17.04 28.27
N ASN A 387 1.48 18.03 29.15
CA ASN A 387 1.81 17.88 30.56
C ASN A 387 2.96 16.87 30.81
N GLY A 388 3.90 16.84 29.87
CA GLY A 388 5.06 15.97 29.92
C GLY A 388 5.54 15.51 28.55
N THR A 389 6.85 15.26 28.45
CA THR A 389 7.48 14.79 27.24
C THR A 389 7.88 13.34 27.43
N LEU A 390 7.41 12.47 26.51
CA LEU A 390 7.69 11.03 26.48
C LEU A 390 9.19 10.73 26.33
N LYS A 391 9.63 9.59 26.89
CA LYS A 391 11.01 9.12 26.76
C LYS A 391 11.19 8.50 25.37
N HIS A 392 12.44 8.38 24.90
CA HIS A 392 12.80 7.87 23.58
C HIS A 392 12.03 6.61 23.20
N TYR A 393 12.06 5.57 24.05
CA TYR A 393 11.38 4.29 23.83
C TYR A 393 9.83 4.35 23.86
N GLN A 394 9.25 5.29 24.65
CA GLN A 394 7.79 5.45 24.77
C GLN A 394 7.25 5.96 23.45
N LEU A 395 8.02 6.84 22.79
CA LEU A 395 7.66 7.38 21.48
C LEU A 395 7.89 6.31 20.42
N GLN A 396 8.98 5.53 20.55
CA GLN A 396 9.27 4.38 19.69
C GLN A 396 8.05 3.43 19.77
N GLY A 397 7.54 3.24 20.99
CA GLY A 397 6.37 2.40 21.29
C GLY A 397 5.13 2.82 20.55
N LEU A 398 4.96 4.12 20.37
CA LEU A 398 3.85 4.71 19.62
C LEU A 398 4.03 4.45 18.10
N GLU A 399 5.29 4.57 17.61
CA GLU A 399 5.63 4.32 16.20
C GLU A 399 5.30 2.88 15.78
N TRP A 400 5.54 1.88 16.66
CA TRP A 400 5.23 0.47 16.40
C TRP A 400 3.73 0.29 16.53
N MET A 401 3.08 1.08 17.38
CA MET A 401 1.64 0.98 17.57
C MET A 401 0.84 1.63 16.46
N VAL A 402 1.44 2.61 15.75
CA VAL A 402 0.76 3.25 14.61
C VAL A 402 1.02 2.40 13.36
N SER A 403 2.13 1.62 13.39
CA SER A 403 2.54 0.66 12.37
C SER A 403 1.61 -0.54 12.49
N LEU A 404 1.11 -0.78 13.69
CA LEU A 404 0.13 -1.82 13.94
C LEU A 404 -1.18 -1.36 13.31
N TYR A 405 -1.52 -0.07 13.48
CA TYR A 405 -2.74 0.59 12.97
C TYR A 405 -2.80 0.65 11.44
N ASN A 406 -1.72 1.21 10.82
CA ASN A 406 -1.58 1.41 9.38
C ASN A 406 -1.66 0.11 8.63
N ASN A 407 -1.00 -0.95 9.17
CA ASN A 407 -0.95 -2.26 8.55
C ASN A 407 -2.13 -3.16 8.93
N ASN A 408 -3.14 -2.59 9.59
CA ASN A 408 -4.40 -3.23 10.00
C ASN A 408 -4.21 -4.55 10.76
N LEU A 409 -3.22 -4.57 11.70
CA LEU A 409 -2.85 -5.68 12.57
C LEU A 409 -3.16 -5.37 14.03
N ASN A 410 -3.59 -6.40 14.78
CA ASN A 410 -3.76 -6.40 16.24
C ASN A 410 -2.40 -6.77 16.85
N GLY A 411 -2.26 -6.56 18.16
CA GLY A 411 -1.00 -6.83 18.84
C GLY A 411 -0.96 -6.72 20.35
N ILE A 412 0.26 -6.89 20.91
CA ILE A 412 0.55 -6.88 22.34
C ILE A 412 1.71 -5.94 22.67
N LEU A 413 1.53 -5.15 23.73
CA LEU A 413 2.55 -4.31 24.32
C LEU A 413 2.84 -4.96 25.69
N ALA A 414 3.82 -5.86 25.70
CA ALA A 414 4.22 -6.66 26.87
C ALA A 414 5.43 -6.11 27.63
N ASP A 415 5.60 -4.77 27.62
CA ASP A 415 6.69 -4.11 28.35
C ASP A 415 6.55 -4.37 29.86
N GLU A 416 7.70 -4.40 30.57
CA GLU A 416 7.75 -4.60 32.02
C GLU A 416 6.88 -3.54 32.70
N MET A 417 6.19 -3.92 33.79
CA MET A 417 5.38 -2.97 34.57
C MET A 417 6.24 -1.79 35.01
N GLY A 418 5.69 -0.60 34.85
CA GLY A 418 6.41 0.62 35.14
C GLY A 418 7.37 1.01 34.03
N LEU A 419 6.87 1.07 32.79
CA LEU A 419 7.57 1.55 31.59
C LEU A 419 6.64 2.54 30.88
N GLY A 420 5.51 2.78 31.52
CA GLY A 420 4.50 3.71 31.07
C GLY A 420 3.70 3.19 29.91
N LYS A 421 3.08 2.02 30.09
CA LYS A 421 2.25 1.42 29.06
C LYS A 421 0.96 2.23 28.97
N THR A 422 0.41 2.66 30.14
CA THR A 422 -0.80 3.46 30.28
C THR A 422 -0.72 4.72 29.45
N ILE A 423 0.38 5.46 29.66
CA ILE A 423 0.75 6.70 28.99
C ILE A 423 0.93 6.39 27.50
N GLN A 424 1.61 5.27 27.17
CA GLN A 424 1.84 4.82 25.79
C GLN A 424 0.52 4.54 25.06
N THR A 425 -0.52 4.06 25.76
CA THR A 425 -1.83 3.82 25.14
C THR A 425 -2.38 5.19 24.82
N ILE A 426 -2.44 6.08 25.84
CA ILE A 426 -2.90 7.48 25.77
C ILE A 426 -2.24 8.19 24.57
N ALA A 427 -0.92 7.97 24.37
CA ALA A 427 -0.16 8.50 23.24
C ALA A 427 -0.71 8.02 21.87
N LEU A 428 -1.03 6.72 21.74
CA LEU A 428 -1.59 6.18 20.51
C LEU A 428 -2.95 6.82 20.22
N ILE A 429 -3.83 6.90 21.24
CA ILE A 429 -5.19 7.44 21.12
C ILE A 429 -5.18 8.91 20.66
N THR A 430 -4.25 9.73 21.18
CA THR A 430 -4.12 11.15 20.79
C THR A 430 -3.56 11.31 19.36
N TYR A 431 -2.44 10.65 19.03
CA TYR A 431 -1.81 10.69 17.70
C TYR A 431 -2.75 10.15 16.62
N LEU A 432 -3.76 9.38 17.02
CA LEU A 432 -4.77 8.83 16.12
C LEU A 432 -5.94 9.79 15.96
N MET A 433 -5.84 11.00 16.53
CA MET A 433 -6.84 12.06 16.39
C MET A 433 -6.16 13.25 15.72
N GLU A 434 -5.01 13.67 16.26
CA GLU A 434 -4.24 14.81 15.78
C GLU A 434 -3.58 14.53 14.39
N HIS A 435 -3.31 13.26 14.04
CA HIS A 435 -2.70 12.93 12.74
C HIS A 435 -3.62 12.13 11.80
N LYS A 436 -4.53 11.31 12.35
CA LYS A 436 -5.52 10.50 11.61
C LYS A 436 -6.89 10.97 12.09
N ARG A 437 -7.95 10.75 11.31
CA ARG A 437 -9.25 11.22 11.75
C ARG A 437 -10.02 10.14 12.54
N LEU A 438 -9.28 9.37 13.34
CA LEU A 438 -9.86 8.34 14.18
C LEU A 438 -10.19 8.93 15.56
N ASN A 439 -11.39 9.49 15.66
CA ASN A 439 -11.88 10.10 16.90
C ASN A 439 -12.98 9.23 17.50
N GLY A 440 -13.41 8.21 16.74
CA GLY A 440 -14.46 7.25 17.05
C GLY A 440 -14.40 6.58 18.41
N PRO A 441 -15.41 5.76 18.79
CA PRO A 441 -15.41 5.16 20.15
C PRO A 441 -14.29 4.16 20.50
N TYR A 442 -13.38 4.56 21.41
CA TYR A 442 -12.30 3.69 21.91
C TYR A 442 -12.78 2.95 23.14
N LEU A 443 -12.54 1.63 23.17
CA LEU A 443 -12.89 0.82 24.34
C LEU A 443 -11.62 0.45 25.10
N ILE A 444 -11.63 0.68 26.43
CA ILE A 444 -10.48 0.42 27.30
C ILE A 444 -10.93 -0.34 28.52
N ILE A 445 -10.44 -1.61 28.64
CA ILE A 445 -10.74 -2.57 29.71
C ILE A 445 -9.54 -2.70 30.63
N VAL A 446 -9.70 -2.18 31.83
CA VAL A 446 -8.68 -2.12 32.87
C VAL A 446 -9.20 -2.81 34.13
N PRO A 447 -8.32 -3.34 34.99
CA PRO A 447 -8.83 -3.95 36.22
C PRO A 447 -9.18 -2.86 37.25
N LEU A 448 -10.21 -3.15 38.06
CA LEU A 448 -10.72 -2.25 39.09
C LEU A 448 -9.62 -1.41 39.75
N SER A 449 -8.62 -2.12 40.32
CA SER A 449 -7.47 -1.62 41.04
C SER A 449 -6.70 -0.51 40.33
N THR A 450 -6.66 -0.49 38.97
CA THR A 450 -5.99 0.58 38.22
C THR A 450 -6.97 1.49 37.48
N LEU A 451 -8.31 1.18 37.50
CA LEU A 451 -9.38 1.97 36.85
C LEU A 451 -9.16 3.47 37.08
N SER A 452 -9.09 3.84 38.36
CA SER A 452 -8.89 5.18 38.85
C SER A 452 -7.57 5.81 38.40
N ASN A 453 -6.50 5.02 38.27
CA ASN A 453 -5.23 5.58 37.82
C ASN A 453 -5.26 5.89 36.34
N TRP A 454 -6.05 5.09 35.58
CA TRP A 454 -6.23 5.26 34.14
C TRP A 454 -6.89 6.62 33.88
N THR A 455 -8.01 6.91 34.60
CA THR A 455 -8.70 8.21 34.48
C THR A 455 -7.65 9.31 34.77
N TYR A 456 -7.04 9.26 35.98
CA TYR A 456 -6.01 10.17 36.50
C TYR A 456 -4.95 10.58 35.44
N GLU A 457 -4.34 9.58 34.75
CA GLU A 457 -3.32 9.83 33.75
C GLU A 457 -3.87 10.51 32.50
N PHE A 458 -5.14 10.20 32.12
CA PHE A 458 -5.78 10.82 30.95
C PHE A 458 -5.98 12.29 31.26
N ASP A 459 -6.64 12.58 32.41
CA ASP A 459 -6.89 13.90 32.97
C ASP A 459 -5.63 14.76 33.04
N LYS A 460 -4.46 14.14 33.23
CA LYS A 460 -3.19 14.85 33.26
C LYS A 460 -2.72 15.18 31.84
N TRP A 461 -2.36 14.14 31.05
CA TRP A 461 -1.74 14.16 29.72
C TRP A 461 -2.63 14.55 28.52
N ALA A 462 -3.84 13.97 28.43
CA ALA A 462 -4.76 14.25 27.33
C ALA A 462 -6.10 14.69 27.90
N PRO A 463 -6.19 15.98 28.30
CA PRO A 463 -7.46 16.49 28.85
C PRO A 463 -8.53 16.63 27.75
N SER A 464 -8.07 16.90 26.50
CA SER A 464 -8.89 17.03 25.30
C SER A 464 -9.76 15.78 25.11
N VAL A 465 -9.14 14.59 25.30
CA VAL A 465 -9.81 13.29 25.19
C VAL A 465 -10.85 13.21 26.27
N VAL A 466 -12.12 13.28 25.86
CA VAL A 466 -13.26 13.23 26.77
C VAL A 466 -13.69 11.78 26.93
N LYS A 467 -13.98 11.40 28.16
CA LYS A 467 -14.27 10.01 28.45
C LYS A 467 -15.45 9.74 29.34
N ILE A 468 -16.13 8.63 29.06
CA ILE A 468 -17.19 8.09 29.91
C ILE A 468 -16.41 7.06 30.74
N SER A 469 -16.73 6.95 32.04
CA SER A 469 -16.08 6.00 32.94
C SER A 469 -17.20 5.11 33.43
N TYR A 470 -17.53 4.11 32.60
CA TYR A 470 -18.64 3.20 32.83
C TYR A 470 -18.48 2.37 34.11
N LYS A 471 -19.13 2.84 35.18
CA LYS A 471 -19.12 2.24 36.53
C LYS A 471 -20.21 2.86 37.39
N GLY A 472 -20.43 2.28 38.58
CA GLY A 472 -21.43 2.78 39.51
C GLY A 472 -22.56 1.80 39.75
N THR A 473 -23.55 2.23 40.54
CA THR A 473 -24.75 1.47 40.89
C THR A 473 -25.64 1.28 39.62
N PRO A 474 -26.58 0.31 39.56
CA PRO A 474 -27.38 0.15 38.33
C PRO A 474 -28.00 1.47 37.85
N ALA A 475 -28.51 2.28 38.79
CA ALA A 475 -29.11 3.59 38.54
C ALA A 475 -28.10 4.68 38.12
N MET A 476 -26.80 4.48 38.44
CA MET A 476 -25.72 5.39 38.08
C MET A 476 -25.21 5.05 36.70
N ARG A 477 -25.13 3.73 36.40
CA ARG A 477 -24.74 3.22 35.08
C ARG A 477 -25.79 3.72 34.07
N ARG A 478 -27.13 3.58 34.38
CA ARG A 478 -28.26 4.07 33.57
C ARG A 478 -28.07 5.53 33.16
N SER A 479 -27.73 6.42 34.11
CA SER A 479 -27.46 7.84 33.85
C SER A 479 -26.53 8.06 32.63
N LEU A 480 -25.57 7.14 32.43
CA LEU A 480 -24.62 7.24 31.32
C LEU A 480 -25.21 6.82 29.97
N VAL A 481 -26.18 5.83 29.96
CA VAL A 481 -26.88 5.26 28.79
C VAL A 481 -27.02 6.30 27.64
N PRO A 482 -27.63 7.52 27.84
CA PRO A 482 -27.69 8.49 26.72
C PRO A 482 -26.34 8.92 26.13
N GLN A 483 -25.37 9.32 26.97
CA GLN A 483 -24.04 9.80 26.55
C GLN A 483 -23.32 8.92 25.51
N LEU A 484 -23.64 7.63 25.53
CA LEU A 484 -23.13 6.65 24.59
C LEU A 484 -23.84 6.80 23.26
N ARG A 485 -25.19 6.76 23.29
CA ARG A 485 -26.01 6.93 22.10
C ARG A 485 -25.63 8.19 21.33
N SER A 486 -25.14 9.21 22.07
CA SER A 486 -24.68 10.51 21.56
C SER A 486 -23.40 10.35 20.78
N GLY A 487 -22.43 9.67 21.39
CA GLY A 487 -21.11 9.47 20.81
C GLY A 487 -20.33 10.76 20.77
N LYS A 488 -20.51 11.62 21.80
CA LYS A 488 -19.82 12.91 21.93
C LYS A 488 -18.45 12.70 22.62
N PHE A 489 -18.22 11.46 23.12
CA PHE A 489 -17.02 10.94 23.80
C PHE A 489 -16.04 10.25 22.86
N ASN A 490 -14.75 10.23 23.24
CA ASN A 490 -13.75 9.51 22.45
C ASN A 490 -13.39 8.16 23.07
N VAL A 491 -13.39 8.08 24.42
CA VAL A 491 -13.00 6.92 25.21
C VAL A 491 -14.04 6.55 26.22
N LEU A 492 -14.19 5.27 26.44
CA LEU A 492 -14.99 4.74 27.52
C LEU A 492 -13.99 3.88 28.31
N LEU A 493 -14.00 4.00 29.65
CA LEU A 493 -13.16 3.20 30.53
C LEU A 493 -14.10 2.34 31.34
N THR A 494 -13.78 1.05 31.48
CA THR A 494 -14.58 0.11 32.26
C THR A 494 -13.79 -1.17 32.56
N THR A 495 -14.38 -2.03 33.39
CA THR A 495 -13.74 -3.25 33.80
C THR A 495 -14.39 -4.49 33.19
N TYR A 496 -13.64 -5.60 33.22
CA TYR A 496 -13.96 -6.98 32.83
C TYR A 496 -15.41 -7.34 33.24
N GLU A 497 -15.82 -6.89 34.44
CA GLU A 497 -17.12 -7.10 35.07
C GLU A 497 -18.24 -6.46 34.30
N TYR A 498 -18.05 -5.21 33.87
CA TYR A 498 -19.10 -4.49 33.18
C TYR A 498 -19.26 -4.90 31.69
N ILE A 499 -18.16 -5.35 31.05
CA ILE A 499 -18.13 -5.86 29.68
C ILE A 499 -19.08 -7.05 29.56
N ILE A 500 -19.09 -7.94 30.58
CA ILE A 500 -19.94 -9.13 30.56
C ILE A 500 -21.36 -8.86 31.10
N LYS A 501 -21.47 -8.15 32.23
CA LYS A 501 -22.76 -7.91 32.90
C LYS A 501 -23.63 -6.92 32.14
N ASP A 502 -23.05 -5.78 31.72
CA ASP A 502 -23.76 -4.74 30.99
C ASP A 502 -23.45 -4.80 29.48
N LYS A 503 -23.31 -6.04 28.98
CA LYS A 503 -23.03 -6.38 27.59
C LYS A 503 -24.15 -5.86 26.69
N HIS A 504 -25.41 -6.05 27.14
CA HIS A 504 -26.65 -5.66 26.47
C HIS A 504 -26.74 -4.16 26.20
N ILE A 505 -25.71 -3.42 26.57
CA ILE A 505 -25.65 -2.00 26.36
C ILE A 505 -24.32 -1.65 25.68
N LEU A 506 -23.19 -2.28 26.11
CA LEU A 506 -21.84 -1.98 25.60
C LEU A 506 -21.46 -2.67 24.30
N ALA A 507 -22.09 -3.84 24.00
CA ALA A 507 -21.88 -4.61 22.75
C ALA A 507 -22.42 -3.85 21.51
N LYS A 508 -23.49 -3.03 21.73
CA LYS A 508 -24.20 -2.19 20.77
C LYS A 508 -23.35 -1.12 20.06
N ILE A 509 -22.19 -0.78 20.62
CA ILE A 509 -21.34 0.22 19.99
C ILE A 509 -20.31 -0.46 19.07
N ARG A 510 -20.01 0.20 17.93
CA ARG A 510 -19.01 -0.24 16.96
C ARG A 510 -17.68 0.41 17.39
N TRP A 511 -16.98 -0.31 18.27
CA TRP A 511 -15.76 0.19 18.85
C TRP A 511 -14.64 0.14 17.83
N LYS A 512 -14.08 1.32 17.49
CA LYS A 512 -12.99 1.49 16.52
C LYS A 512 -11.72 0.72 16.96
N TYR A 513 -11.31 0.93 18.22
CA TYR A 513 -10.16 0.31 18.86
C TYR A 513 -10.58 -0.23 20.22
N MET A 514 -10.15 -1.47 20.57
CA MET A 514 -10.39 -2.09 21.88
C MET A 514 -9.02 -2.37 22.53
N ILE A 515 -8.83 -1.84 23.73
CA ILE A 515 -7.58 -1.97 24.47
C ILE A 515 -7.81 -2.67 25.80
N VAL A 516 -7.11 -3.80 26.02
CA VAL A 516 -7.20 -4.55 27.27
C VAL A 516 -5.90 -4.42 28.07
N ASP A 517 -6.01 -3.99 29.33
CA ASP A 517 -4.86 -3.85 30.20
C ASP A 517 -5.01 -4.95 31.22
N GLU A 518 -4.09 -5.91 31.14
CA GLU A 518 -4.04 -7.11 31.99
C GLU A 518 -3.75 -6.78 33.46
N GLY A 519 -3.02 -5.69 33.67
CA GLY A 519 -2.66 -5.25 35.01
C GLY A 519 -1.28 -5.72 35.41
N HIS A 520 -1.14 -6.07 36.70
CA HIS A 520 0.12 -6.51 37.32
C HIS A 520 0.08 -7.99 37.59
N ARG A 521 -1.07 -8.48 38.08
CA ARG A 521 -1.31 -9.89 38.44
C ARG A 521 -1.05 -10.84 37.30
N MET A 522 -0.07 -11.74 37.50
CA MET A 522 0.32 -12.78 36.56
C MET A 522 -0.77 -13.85 36.69
N LYS A 523 -1.83 -13.70 35.90
CA LYS A 523 -2.95 -14.61 35.95
C LYS A 523 -3.05 -15.36 34.65
N ASN A 524 -3.42 -16.63 34.72
CA ASN A 524 -3.60 -17.49 33.56
C ASN A 524 -5.04 -17.35 33.09
N HIS A 525 -5.23 -16.97 31.80
CA HIS A 525 -6.55 -16.72 31.20
C HIS A 525 -7.15 -17.92 30.48
N HIS A 526 -8.47 -18.10 30.65
CA HIS A 526 -9.18 -19.16 29.96
C HIS A 526 -9.83 -18.66 28.68
N CYS A 527 -9.92 -19.56 27.67
CA CYS A 527 -10.46 -19.24 26.36
C CYS A 527 -11.98 -19.11 26.34
N LYS A 528 -12.69 -19.84 27.23
CA LYS A 528 -14.14 -19.77 27.32
C LYS A 528 -14.64 -18.32 27.41
N LEU A 529 -13.92 -17.46 28.15
CA LEU A 529 -14.26 -16.05 28.33
C LEU A 529 -13.95 -15.17 27.12
N THR A 530 -12.76 -15.35 26.48
CA THR A 530 -12.37 -14.56 25.32
C THR A 530 -13.34 -14.85 24.16
N GLN A 531 -13.74 -16.14 23.99
CA GLN A 531 -14.70 -16.59 22.97
C GLN A 531 -16.09 -15.95 23.17
N VAL A 532 -16.47 -15.74 24.45
CA VAL A 532 -17.71 -15.06 24.85
C VAL A 532 -17.60 -13.54 24.54
N LEU A 533 -16.44 -12.90 24.84
CA LEU A 533 -16.20 -11.49 24.52
C LEU A 533 -16.32 -11.31 23.00
N ASN A 534 -15.71 -12.25 22.25
CA ASN A 534 -15.65 -12.36 20.79
C ASN A 534 -17.05 -12.43 20.13
N THR A 535 -17.95 -13.27 20.70
CA THR A 535 -19.35 -13.48 20.29
C THR A 535 -20.12 -12.17 20.05
N HIS A 536 -20.12 -11.25 21.07
CA HIS A 536 -20.88 -10.00 21.08
C HIS A 536 -20.13 -8.71 20.77
N TYR A 537 -18.82 -8.72 20.57
CA TYR A 537 -18.17 -7.42 20.39
C TYR A 537 -17.48 -7.16 19.04
N VAL A 538 -17.89 -6.04 18.42
CA VAL A 538 -17.36 -5.48 17.17
C VAL A 538 -16.18 -4.56 17.58
N ALA A 539 -14.95 -4.98 17.22
CA ALA A 539 -13.70 -4.27 17.54
C ALA A 539 -12.59 -4.60 16.52
N PRO A 540 -12.54 -3.82 15.42
CA PRO A 540 -11.54 -4.09 14.38
C PRO A 540 -10.09 -4.09 14.85
N ARG A 541 -9.68 -3.02 15.57
CA ARG A 541 -8.31 -2.91 16.05
C ARG A 541 -8.24 -3.21 17.53
N ARG A 542 -7.45 -4.22 17.89
CA ARG A 542 -7.27 -4.66 19.26
C ARG A 542 -5.84 -4.47 19.73
N ILE A 543 -5.68 -4.08 20.99
CA ILE A 543 -4.36 -3.97 21.64
C ILE A 543 -4.47 -4.63 23.00
N LEU A 544 -3.42 -5.37 23.38
CA LEU A 544 -3.29 -5.97 24.69
C LEU A 544 -2.03 -5.43 25.35
N LEU A 545 -2.17 -5.03 26.61
CA LEU A 545 -1.07 -4.53 27.42
C LEU A 545 -0.98 -5.51 28.57
N THR A 546 0.25 -5.99 28.81
CA THR A 546 0.55 -7.02 29.79
C THR A 546 1.98 -6.88 30.38
N GLY A 547 2.12 -7.25 31.64
CA GLY A 547 3.43 -7.23 32.26
C GLY A 547 4.29 -8.35 31.70
N THR A 548 3.77 -9.59 31.84
CA THR A 548 4.32 -10.89 31.47
C THR A 548 4.69 -11.00 29.99
N PRO A 549 5.79 -11.70 29.66
CA PRO A 549 6.10 -11.94 28.23
C PRO A 549 5.29 -13.14 27.71
N LEU A 550 5.62 -13.63 26.50
CA LEU A 550 4.91 -14.75 25.88
C LEU A 550 5.11 -16.03 26.67
N GLN A 551 3.99 -16.57 27.15
CA GLN A 551 3.96 -17.77 27.97
C GLN A 551 4.15 -19.04 27.18
N ASN A 552 4.78 -20.02 27.84
CA ASN A 552 5.10 -21.33 27.27
C ASN A 552 4.04 -22.36 27.68
N LYS A 553 2.73 -21.95 27.67
CA LYS A 553 1.58 -22.83 27.98
C LYS A 553 0.54 -22.70 26.87
N LEU A 554 0.18 -23.85 26.24
CA LEU A 554 -0.80 -23.91 25.13
C LEU A 554 -2.16 -23.35 25.52
N PRO A 555 -2.74 -23.65 26.70
CA PRO A 555 -4.02 -23.04 27.05
C PRO A 555 -3.99 -21.50 26.97
N GLU A 556 -3.02 -20.88 27.62
CA GLU A 556 -2.88 -19.43 27.55
C GLU A 556 -2.72 -18.94 26.11
N LEU A 557 -1.87 -19.62 25.30
CA LEU A 557 -1.61 -19.26 23.91
C LEU A 557 -2.84 -19.40 23.03
N TRP A 558 -3.71 -20.35 23.40
CA TRP A 558 -4.95 -20.63 22.71
C TRP A 558 -5.88 -19.42 22.87
N ALA A 559 -6.09 -18.99 24.12
CA ALA A 559 -6.90 -17.82 24.47
C ALA A 559 -6.26 -16.54 23.88
N LEU A 560 -4.92 -16.43 23.92
CA LEU A 560 -4.26 -15.27 23.32
C LEU A 560 -4.63 -15.09 21.83
N LEU A 561 -4.67 -16.21 21.06
CA LEU A 561 -5.01 -16.18 19.63
C LEU A 561 -6.46 -15.80 19.42
N ASN A 562 -7.37 -16.25 20.28
CA ASN A 562 -8.80 -15.91 20.18
C ASN A 562 -9.01 -14.44 20.43
N PHE A 563 -8.23 -13.86 21.34
CA PHE A 563 -8.24 -12.43 21.57
C PHE A 563 -7.64 -11.74 20.31
N LEU A 564 -6.41 -12.08 19.94
CA LEU A 564 -5.72 -11.42 18.84
C LEU A 564 -6.43 -11.51 17.45
N LEU A 565 -6.95 -12.70 17.09
CA LEU A 565 -7.68 -12.98 15.83
C LEU A 565 -9.08 -13.41 16.26
N PRO A 566 -10.07 -12.48 16.29
CA PRO A 566 -11.38 -12.84 16.83
C PRO A 566 -12.23 -13.78 15.95
N THR A 567 -12.37 -13.47 14.65
CA THR A 567 -13.18 -14.20 13.68
C THR A 567 -12.76 -15.69 13.45
N ILE A 568 -11.57 -15.89 12.85
CA ILE A 568 -10.89 -17.15 12.48
C ILE A 568 -11.34 -18.46 13.25
N PHE A 569 -11.42 -18.45 14.59
CA PHE A 569 -11.74 -19.61 15.44
C PHE A 569 -13.20 -19.54 15.92
N LYS A 570 -14.13 -19.29 15.00
CA LYS A 570 -15.52 -19.11 15.36
C LYS A 570 -16.23 -20.35 15.93
N SER A 571 -16.29 -21.42 15.15
CA SER A 571 -16.93 -22.67 15.58
C SER A 571 -16.02 -23.50 16.50
N CYS A 572 -14.71 -23.64 16.13
CA CYS A 572 -13.71 -24.39 16.88
C CYS A 572 -13.40 -23.72 18.22
N SER A 573 -13.91 -24.36 19.28
CA SER A 573 -13.85 -23.94 20.67
C SER A 573 -12.52 -24.20 21.40
N THR A 574 -11.86 -25.33 21.13
CA THR A 574 -10.65 -25.76 21.82
C THR A 574 -9.36 -25.68 20.97
N PHE A 575 -8.20 -25.78 21.63
CA PHE A 575 -6.92 -25.88 20.93
C PHE A 575 -6.76 -27.36 20.51
N GLU A 576 -7.29 -28.32 21.33
CA GLU A 576 -7.20 -29.75 21.00
C GLU A 576 -7.88 -30.08 19.64
N GLN A 577 -9.10 -29.57 19.40
CA GLN A 577 -9.87 -29.81 18.18
C GLN A 577 -9.11 -29.24 16.98
N TRP A 578 -8.63 -28.01 17.13
CA TRP A 578 -7.90 -27.20 16.17
C TRP A 578 -6.58 -27.84 15.69
N PHE A 579 -5.75 -28.26 16.63
CA PHE A 579 -4.44 -28.80 16.32
C PHE A 579 -4.46 -30.30 15.93
N ASN A 580 -5.52 -31.05 16.31
CA ASN A 580 -5.61 -32.44 15.84
C ASN A 580 -6.20 -32.48 14.45
N ALA A 581 -6.94 -31.44 14.03
CA ALA A 581 -7.67 -31.33 12.77
C ALA A 581 -7.00 -31.99 11.52
N PRO A 582 -5.70 -31.71 11.14
CA PRO A 582 -5.14 -32.37 9.95
C PRO A 582 -5.00 -33.90 10.07
N PHE A 583 -5.13 -34.40 11.30
CA PHE A 583 -5.04 -35.78 11.73
C PHE A 583 -6.43 -36.31 12.12
N ALA A 584 -7.41 -35.42 12.24
CA ALA A 584 -8.73 -35.79 12.77
C ALA A 584 -9.66 -36.56 11.82
N MET A 585 -9.43 -36.45 10.49
CA MET A 585 -10.20 -37.01 9.36
C MET A 585 -10.47 -38.55 9.37
N THR A 586 -10.18 -39.26 10.46
CA THR A 586 -10.43 -40.70 10.58
C THR A 586 -11.28 -41.01 11.85
N GLY A 587 -11.85 -39.96 12.43
CA GLY A 587 -12.69 -40.05 13.62
C GLY A 587 -11.94 -40.28 14.91
N GLU A 588 -10.60 -40.33 14.84
CA GLU A 588 -9.74 -40.54 15.99
C GLU A 588 -9.67 -39.29 16.87
N ARG A 589 -9.90 -39.48 18.18
CA ARG A 589 -9.93 -38.41 19.17
C ARG A 589 -8.81 -38.61 20.21
N VAL A 590 -7.59 -38.11 19.89
CA VAL A 590 -6.46 -38.26 20.81
C VAL A 590 -5.77 -36.90 21.08
N ASP A 591 -5.66 -36.58 22.37
CA ASP A 591 -5.01 -35.37 22.87
C ASP A 591 -3.50 -35.38 22.51
N LEU A 592 -2.94 -34.18 22.35
CA LEU A 592 -1.54 -33.93 22.01
C LEU A 592 -0.66 -34.49 23.08
N ASN A 593 0.54 -34.91 22.72
CA ASN A 593 1.46 -35.43 23.72
C ASN A 593 2.49 -34.38 24.12
N GLU A 594 3.49 -34.73 24.94
CA GLU A 594 4.48 -33.78 25.40
C GLU A 594 5.32 -33.18 24.23
N GLU A 595 5.90 -34.02 23.33
CA GLU A 595 6.70 -33.55 22.19
C GLU A 595 5.84 -32.70 21.22
N GLU A 596 4.68 -33.26 20.77
CA GLU A 596 3.79 -32.58 19.85
C GLU A 596 3.53 -31.13 20.34
N THR A 597 3.11 -31.00 21.62
CA THR A 597 2.85 -29.74 22.31
C THR A 597 4.03 -28.73 22.25
N ILE A 598 5.26 -29.19 22.54
CA ILE A 598 6.45 -28.37 22.54
C ILE A 598 6.66 -27.63 21.21
N LEU A 599 6.45 -28.30 20.06
CA LEU A 599 6.65 -27.72 18.74
C LEU A 599 5.50 -26.86 18.32
N ILE A 600 4.35 -27.00 18.98
CA ILE A 600 3.17 -26.18 18.67
C ILE A 600 3.46 -24.83 19.29
N ILE A 601 3.88 -24.85 20.56
CA ILE A 601 4.26 -23.66 21.30
C ILE A 601 5.38 -22.94 20.55
N ARG A 602 6.34 -23.74 20.02
CA ARG A 602 7.46 -23.27 19.25
C ARG A 602 6.99 -22.44 18.06
N ARG A 603 6.12 -23.07 17.22
CA ARG A 603 5.59 -22.45 16.02
C ARG A 603 4.76 -21.19 16.36
N LEU A 604 3.99 -21.23 17.47
CA LEU A 604 3.13 -20.12 17.86
C LEU A 604 3.90 -18.91 18.30
N HIS A 605 5.07 -19.10 18.86
CA HIS A 605 5.91 -18.00 19.31
C HIS A 605 6.54 -17.28 18.14
N LYS A 606 6.86 -18.03 17.10
CA LYS A 606 7.46 -17.49 15.87
C LYS A 606 6.37 -16.73 15.06
N VAL A 607 5.11 -17.20 15.14
CA VAL A 607 3.96 -16.63 14.46
C VAL A 607 3.56 -15.28 15.08
N LEU A 608 3.49 -15.25 16.42
CA LEU A 608 3.12 -14.07 17.19
C LEU A 608 4.26 -13.07 17.29
N ARG A 609 5.48 -13.52 16.96
CA ARG A 609 6.73 -12.76 17.02
C ARG A 609 6.58 -11.30 16.52
N PRO A 610 6.06 -11.01 15.30
CA PRO A 610 5.96 -9.60 14.88
C PRO A 610 4.83 -8.78 15.52
N PHE A 611 3.91 -9.43 16.28
CA PHE A 611 2.74 -8.81 16.93
C PHE A 611 2.92 -8.52 18.40
N LEU A 612 4.15 -8.58 18.93
CA LEU A 612 4.42 -8.31 20.33
C LEU A 612 5.57 -7.32 20.45
N LEU A 613 5.44 -6.40 21.41
CA LEU A 613 6.49 -5.44 21.73
C LEU A 613 6.82 -5.48 23.24
N ARG A 614 8.08 -5.76 23.54
CA ARG A 614 8.55 -5.81 24.92
C ARG A 614 9.94 -5.23 25.10
N ARG A 615 10.02 -4.27 26.02
CA ARG A 615 11.26 -3.65 26.43
C ARG A 615 11.34 -3.88 27.92
N LEU A 616 12.56 -3.89 28.43
CA LEU A 616 12.84 -4.18 29.83
C LEU A 616 13.55 -3.01 30.48
N LYS A 617 13.23 -2.77 31.76
CA LYS A 617 13.81 -1.74 32.60
C LYS A 617 15.35 -1.76 32.47
N LYS A 618 15.96 -2.97 32.66
CA LYS A 618 17.40 -3.26 32.62
C LYS A 618 18.13 -2.83 31.32
N GLU A 619 17.40 -2.66 30.21
CA GLU A 619 17.99 -2.25 28.93
C GLU A 619 17.56 -0.81 28.55
N VAL A 620 16.82 -0.13 29.46
CA VAL A 620 16.27 1.20 29.21
C VAL A 620 16.86 2.27 30.17
N GLU A 621 16.28 2.43 31.39
CA GLU A 621 16.65 3.42 32.41
C GLU A 621 16.75 4.87 31.85
C1 J7J B . -0.88 -15.44 27.14
C2 J7J B . -0.79 -14.12 27.62
C3 J7J B . 1.58 -14.16 27.11
C12 J7J B . -7.78 -12.40 27.17
C13 J7J B . -6.53 -11.93 27.78
C14 J7J B . -5.48 -12.63 27.35
C17 J7J B . -9.03 -11.78 27.46
C18 J7J B . -10.05 -11.25 27.77
C19 J7J B . -11.27 -10.65 28.17
C20 J7J B . -12.34 -11.47 28.56
C21 J7J B . -13.54 -10.86 28.93
C22 J7J B . -13.65 -9.46 28.97
C23 J7J B . -12.57 -8.65 28.59
C24 J7J B . -11.37 -9.24 28.19
C26 J7J B . -14.71 -11.74 29.37
N4 J7J B . 1.46 -15.41 26.65
C5 J7J B . 0.27 -16.04 26.64
C6 J7J B . 0.46 -13.47 27.60
CL7 J7J B . 0.21 -17.66 26.06
N8 J7J B . -1.95 -13.38 28.03
C9 J7J B . -3.15 -13.44 27.39
O10 J7J B . -3.27 -14.25 26.48
N11 J7J B . -7.64 -13.39 26.40
S15 J7J B . -6.09 -13.89 26.30
N16 J7J B . -4.19 -12.64 27.76
BR2 J7J B . -6.58 -10.47 28.98
O27 J7J B . -14.75 -11.64 30.80
N28 J7J B . 0.60 -12.21 28.06
C1 IPA C . -7.17 -25.44 9.75
C2 IPA C . -7.70 -25.66 11.16
C3 IPA C . -9.17 -26.06 11.13
O2 IPA C . -6.91 -26.67 11.82
C1 IPA D . -23.74 -8.54 18.93
C2 IPA D . -24.49 -9.87 18.90
C3 IPA D . -23.79 -10.83 17.94
O2 IPA D . -24.55 -10.45 20.21
#